data_7THH
#
_entry.id   7THH
#
_cell.length_a   30.173
_cell.length_b   113.693
_cell.length_c   109.688
_cell.angle_alpha   90.000
_cell.angle_beta   93.020
_cell.angle_gamma   90.000
#
_symmetry.space_group_name_H-M   'P 1 21 1'
#
loop_
_entity.id
_entity.type
_entity.pdbx_description
1 polymer 'Papain-like protease nsp3'
2 non-polymer 'CHLORIDE ION'
3 non-polymer 'HEXAETHYLENE GLYCOL'
4 non-polymer 1,2-ETHANEDIOL
5 non-polymer 'IODIDE ION'
6 water water
#
_entity_poly.entity_id   1
_entity_poly.type   'polypeptide(L)'
_entity_poly.pdbx_seq_one_letter_code
;SNATPEEHFIETISLAGSYKDWSYSGQSTQLGIEFLKRGDKSVYYTSNPTTFHLDGEVITFDNLKTLLSLREVRTIKVFT
TVDNINLHTQVVDMSMTYGQQFGPTYLDGADVTKIKPHNSHEGKTFYVLPN
;
_entity_poly.pdbx_strand_id   A,B,C,D,E,F
#
# COMPACT_ATOMS: atom_id res chain seq x y z
N SER A 1 -27.68 69.62 2.45
CA SER A 1 -27.93 69.05 3.79
C SER A 1 -26.90 67.96 4.08
N ASN A 2 -26.34 67.92 5.29
CA ASN A 2 -25.22 67.01 5.62
C ASN A 2 -25.70 65.55 5.58
N ALA A 3 -24.88 64.69 5.01
CA ALA A 3 -25.19 63.25 4.84
C ALA A 3 -25.44 62.62 6.21
N THR A 4 -26.48 61.80 6.34
CA THR A 4 -26.65 60.85 7.48
C THR A 4 -25.61 59.74 7.34
N PRO A 5 -25.34 58.95 8.42
CA PRO A 5 -24.41 57.83 8.32
C PRO A 5 -24.77 56.82 7.21
N GLU A 6 -26.07 56.53 7.04
CA GLU A 6 -26.59 55.65 5.95
C GLU A 6 -26.26 56.26 4.59
N GLU A 7 -26.52 57.56 4.41
CA GLU A 7 -26.25 58.20 3.10
C GLU A 7 -24.74 58.24 2.86
N HIS A 8 -23.96 58.50 3.90
CA HIS A 8 -22.51 58.53 3.76
C HIS A 8 -22.00 57.14 3.35
N PHE A 9 -22.53 56.09 3.97
CA PHE A 9 -22.15 54.70 3.64
C PHE A 9 -22.42 54.46 2.15
N ILE A 10 -23.63 54.80 1.69
CA ILE A 10 -24.01 54.58 0.27
C ILE A 10 -23.06 55.37 -0.63
N GLU A 11 -22.85 56.65 -0.32
CA GLU A 11 -22.07 57.53 -1.22
C GLU A 11 -20.63 57.03 -1.31
N THR A 12 -20.04 56.67 -0.16
CA THR A 12 -18.65 56.22 -0.16
C THR A 12 -18.51 54.96 -1.01
N ILE A 13 -19.43 54.02 -0.82
CA ILE A 13 -19.40 52.75 -1.57
C ILE A 13 -19.61 53.00 -3.06
N SER A 14 -20.52 53.91 -3.41
CA SER A 14 -20.77 54.27 -4.82
C SER A 14 -19.48 54.78 -5.47
N LEU A 15 -18.62 55.48 -4.73
CA LEU A 15 -17.35 56.01 -5.29
C LEU A 15 -16.27 54.91 -5.36
N ALA A 16 -16.22 54.03 -4.37
CA ALA A 16 -15.14 53.03 -4.27
C ALA A 16 -15.46 51.84 -5.18
N GLY A 17 -16.75 51.56 -5.39
CA GLY A 17 -17.20 50.52 -6.32
C GLY A 17 -17.55 49.20 -5.65
N SER A 18 -17.33 49.09 -4.35
CA SER A 18 -17.58 47.81 -3.65
C SER A 18 -17.58 48.03 -2.16
N TYR A 19 -18.08 47.03 -1.47
CA TYR A 19 -17.95 46.92 0.00
C TYR A 19 -17.55 45.48 0.28
N LYS A 20 -16.28 45.28 0.62
CA LYS A 20 -15.71 43.93 0.83
C LYS A 20 -15.97 43.11 -0.42
N ASP A 21 -16.68 41.99 -0.34
CA ASP A 21 -16.92 41.11 -1.50
C ASP A 21 -18.31 41.38 -2.13
N TRP A 22 -18.91 42.51 -1.80
CA TRP A 22 -20.12 43.01 -2.48
C TRP A 22 -19.73 44.06 -3.51
N SER A 23 -20.32 43.92 -4.70
CA SER A 23 -20.10 44.88 -5.82
CA SER A 23 -20.10 44.87 -5.83
CA SER A 23 -20.11 44.86 -5.83
C SER A 23 -21.20 45.94 -5.83
N TYR A 24 -20.79 47.19 -6.00
CA TYR A 24 -21.75 48.31 -6.17
C TYR A 24 -22.41 48.19 -7.55
N SER A 25 -23.73 48.37 -7.60
CA SER A 25 -24.47 48.39 -8.87
C SER A 25 -24.91 49.81 -9.23
N GLY A 26 -25.85 50.37 -8.49
CA GLY A 26 -26.39 51.72 -8.77
C GLY A 26 -27.57 51.70 -9.73
N GLN A 27 -27.96 50.53 -10.26
CA GLN A 27 -29.08 50.41 -11.23
C GLN A 27 -30.41 50.76 -10.54
N SER A 28 -31.23 51.56 -11.21
CA SER A 28 -32.55 51.95 -10.67
C SER A 28 -33.58 50.94 -11.13
N THR A 29 -34.32 50.35 -10.18
CA THR A 29 -35.28 49.24 -10.42
C THR A 29 -36.57 49.55 -9.67
N GLN A 30 -37.59 48.69 -9.90
CA GLN A 30 -38.90 48.75 -9.21
C GLN A 30 -38.70 48.47 -7.72
N LEU A 31 -37.59 47.83 -7.33
CA LEU A 31 -37.30 47.48 -5.91
C LEU A 31 -36.47 48.57 -5.26
N GLY A 32 -36.13 49.62 -6.01
CA GLY A 32 -35.24 50.68 -5.53
C GLY A 32 -33.91 50.65 -6.26
N ILE A 33 -32.94 51.40 -5.74
CA ILE A 33 -31.58 51.38 -6.30
C ILE A 33 -30.95 50.04 -5.90
N GLU A 34 -30.55 49.27 -6.90
CA GLU A 34 -29.73 48.05 -6.68
C GLU A 34 -28.39 48.55 -6.17
N PHE A 35 -28.11 48.32 -4.91
CA PHE A 35 -26.97 48.94 -4.20
C PHE A 35 -25.76 48.02 -4.22
N LEU A 36 -25.90 46.85 -3.61
CA LEU A 36 -24.77 45.91 -3.46
C LEU A 36 -25.22 44.52 -3.90
N LYS A 37 -24.33 43.81 -4.59
CA LYS A 37 -24.60 42.45 -5.08
C LYS A 37 -23.47 41.51 -4.62
N ARG A 38 -23.85 40.31 -4.18
CA ARG A 38 -22.88 39.25 -3.86
C ARG A 38 -23.58 37.94 -4.18
N GLY A 39 -23.05 37.21 -5.14
CA GLY A 39 -23.72 36.03 -5.67
C GLY A 39 -25.12 36.39 -6.11
N ASP A 40 -26.11 35.65 -5.61
CA ASP A 40 -27.52 35.82 -6.04
C ASP A 40 -28.25 36.81 -5.13
N LYS A 41 -27.55 37.47 -4.22
CA LYS A 41 -28.14 38.40 -3.25
C LYS A 41 -27.94 39.83 -3.74
N SER A 42 -28.98 40.64 -3.63
CA SER A 42 -28.96 42.09 -3.95
C SER A 42 -29.56 42.88 -2.81
N VAL A 43 -28.82 43.81 -2.27
CA VAL A 43 -29.35 44.82 -1.33
C VAL A 43 -29.82 45.99 -2.18
N TYR A 44 -31.03 46.44 -1.91
CA TYR A 44 -31.60 47.65 -2.53
C TYR A 44 -31.75 48.74 -1.49
N TYR A 45 -31.85 49.99 -1.95
CA TYR A 45 -32.36 51.06 -1.07
C TYR A 45 -33.42 51.89 -1.78
N THR A 46 -34.44 52.24 -1.03
CA THR A 46 -35.44 53.26 -1.40
C THR A 46 -35.11 54.56 -0.67
N SER A 47 -35.73 55.66 -1.11
CA SER A 47 -35.46 57.02 -0.56
C SER A 47 -36.73 57.60 0.04
N ASN A 48 -36.56 58.60 0.91
CA ASN A 48 -37.67 59.41 1.48
C ASN A 48 -38.62 58.48 2.21
N PRO A 49 -38.19 57.80 3.29
CA PRO A 49 -36.82 57.88 3.81
C PRO A 49 -35.86 56.83 3.24
N THR A 50 -34.56 57.01 3.46
CA THR A 50 -33.53 56.00 3.07
C THR A 50 -33.82 54.72 3.82
N THR A 51 -34.14 53.66 3.09
CA THR A 51 -34.52 52.34 3.66
C THR A 51 -33.79 51.26 2.86
N PHE A 52 -33.14 50.31 3.54
CA PHE A 52 -32.48 49.15 2.89
C PHE A 52 -33.44 47.96 2.85
N HIS A 53 -33.30 47.16 1.80
CA HIS A 53 -34.15 45.98 1.50
C HIS A 53 -33.25 44.83 1.06
N LEU A 54 -33.47 43.65 1.63
CA LEU A 54 -32.82 42.42 1.17
C LEU A 54 -33.84 41.27 1.27
N ASP A 55 -34.00 40.51 0.19
CA ASP A 55 -34.86 39.31 0.14
C ASP A 55 -36.29 39.66 0.55
N GLY A 56 -36.78 40.81 0.11
CA GLY A 56 -38.18 41.25 0.30
C GLY A 56 -38.47 41.72 1.71
N GLU A 57 -37.44 42.03 2.49
CA GLU A 57 -37.58 42.54 3.88
C GLU A 57 -36.80 43.83 4.02
N VAL A 58 -37.39 44.77 4.74
CA VAL A 58 -36.68 45.99 5.21
C VAL A 58 -35.64 45.50 6.22
N ILE A 59 -34.41 46.00 6.10
N ILE A 59 -34.43 46.03 6.11
CA ILE A 59 -33.34 45.75 7.10
CA ILE A 59 -33.31 45.75 7.07
C ILE A 59 -32.81 47.09 7.59
C ILE A 59 -32.76 47.08 7.58
N THR A 60 -32.55 47.22 8.88
CA THR A 60 -31.99 48.47 9.45
C THR A 60 -30.54 48.62 9.00
N PHE A 61 -30.00 49.81 9.16
CA PHE A 61 -28.61 50.09 8.75
C PHE A 61 -27.65 49.24 9.59
N ASP A 62 -27.86 49.16 10.90
CA ASP A 62 -26.91 48.39 11.76
C ASP A 62 -26.96 46.92 11.35
N ASN A 63 -28.15 46.41 11.05
CA ASN A 63 -28.28 44.99 10.69
C ASN A 63 -27.71 44.79 9.28
N LEU A 64 -27.85 45.75 8.38
CA LEU A 64 -27.17 45.65 7.07
C LEU A 64 -25.65 45.47 7.22
N LYS A 65 -25.00 46.26 8.04
CA LYS A 65 -23.52 46.16 8.18
C LYS A 65 -23.14 44.78 8.68
N THR A 66 -23.91 44.20 9.60
CA THR A 66 -23.62 42.85 10.10
C THR A 66 -23.76 41.86 8.94
N LEU A 67 -24.85 41.98 8.18
CA LEU A 67 -25.17 40.99 7.12
CA LEU A 67 -25.18 41.00 7.12
C LEU A 67 -24.12 41.09 6.02
N LEU A 68 -23.67 42.31 5.67
CA LEU A 68 -22.67 42.45 4.59
C LEU A 68 -21.35 41.76 4.98
N SER A 69 -21.00 41.79 6.26
CA SER A 69 -19.71 41.24 6.72
C SER A 69 -19.79 39.74 7.02
N LEU A 70 -20.96 39.14 7.06
CA LEU A 70 -21.07 37.67 7.17
C LEU A 70 -20.40 37.01 5.99
N ARG A 71 -19.66 35.93 6.23
CA ARG A 71 -19.05 35.09 5.18
CA ARG A 71 -19.04 35.17 5.12
C ARG A 71 -20.14 34.69 4.18
N GLU A 72 -19.85 34.83 2.90
CA GLU A 72 -20.75 34.37 1.83
C GLU A 72 -20.93 32.86 1.94
N VAL A 73 -22.16 32.39 1.84
CA VAL A 73 -22.49 30.94 1.77
C VAL A 73 -22.32 30.57 0.29
N ARG A 74 -21.29 29.78 0.01
CA ARG A 74 -21.00 29.31 -1.35
C ARG A 74 -21.26 27.81 -1.41
N THR A 75 -21.39 27.30 -2.62
CA THR A 75 -21.66 25.87 -2.86
C THR A 75 -20.73 25.32 -3.93
N ILE A 76 -20.54 24.02 -3.88
CA ILE A 76 -20.00 23.23 -5.01
C ILE A 76 -20.94 22.06 -5.25
N LYS A 77 -20.76 21.41 -6.40
CA LYS A 77 -21.47 20.16 -6.72
C LYS A 77 -20.47 19.01 -6.67
N VAL A 78 -20.88 17.91 -6.05
CA VAL A 78 -20.06 16.69 -5.95
C VAL A 78 -20.95 15.51 -6.28
N PHE A 79 -20.38 14.34 -6.39
CA PHE A 79 -21.16 13.08 -6.40
C PHE A 79 -21.01 12.43 -5.04
N THR A 80 -22.11 11.89 -4.54
CA THR A 80 -22.10 10.98 -3.39
C THR A 80 -22.44 9.58 -3.85
N THR A 81 -21.93 8.61 -3.10
CA THR A 81 -22.21 7.20 -3.35
C THR A 81 -22.20 6.46 -2.02
N VAL A 82 -23.04 5.44 -1.93
CA VAL A 82 -23.05 4.54 -0.77
C VAL A 82 -22.36 3.24 -1.16
N ASP A 83 -21.97 3.05 -2.42
CA ASP A 83 -21.61 1.70 -2.93
C ASP A 83 -20.52 1.71 -4.00
N ASN A 84 -20.10 2.87 -4.51
CA ASN A 84 -19.16 2.99 -5.64
C ASN A 84 -19.77 2.40 -6.91
N ILE A 85 -21.09 2.30 -6.97
CA ILE A 85 -21.83 1.87 -8.18
C ILE A 85 -22.76 2.97 -8.64
N ASN A 86 -23.58 3.50 -7.73
CA ASN A 86 -24.63 4.50 -8.03
C ASN A 86 -24.19 5.84 -7.46
N LEU A 87 -24.04 6.83 -8.32
CA LEU A 87 -23.56 8.17 -7.93
C LEU A 87 -24.74 9.16 -8.01
N HIS A 88 -24.81 10.04 -7.04
CA HIS A 88 -25.88 11.05 -6.95
C HIS A 88 -25.23 12.42 -6.93
N THR A 89 -25.64 13.28 -7.85
CA THR A 89 -25.14 14.67 -7.88
C THR A 89 -25.76 15.41 -6.71
N GLN A 90 -24.92 16.07 -5.93
CA GLN A 90 -25.28 16.65 -4.63
C GLN A 90 -24.66 18.04 -4.49
N VAL A 91 -25.46 19.00 -4.06
CA VAL A 91 -24.96 20.35 -3.69
C VAL A 91 -24.37 20.27 -2.29
N VAL A 92 -23.26 20.94 -2.11
CA VAL A 92 -22.54 20.99 -0.84
C VAL A 92 -22.39 22.46 -0.44
N ASP A 93 -22.71 22.74 0.82
CA ASP A 93 -22.54 24.04 1.47
C ASP A 93 -21.08 24.16 1.88
N MET A 94 -20.33 25.12 1.40
CA MET A 94 -18.89 25.23 1.70
C MET A 94 -18.65 25.76 3.13
N SER A 95 -19.70 26.21 3.84
CA SER A 95 -19.59 26.79 5.20
C SER A 95 -19.67 25.69 6.25
N MET A 96 -20.04 24.48 5.83
CA MET A 96 -20.20 23.32 6.75
C MET A 96 -19.20 22.21 6.37
N THR A 97 -18.77 21.41 7.34
CA THR A 97 -17.92 20.23 7.01
C THR A 97 -18.74 19.23 6.19
N TYR A 98 -18.05 18.28 5.56
CA TYR A 98 -18.72 17.13 4.92
C TYR A 98 -19.53 16.39 5.99
N GLY A 99 -18.92 16.15 7.15
CA GLY A 99 -19.59 15.38 8.22
C GLY A 99 -20.87 16.07 8.66
N GLN A 100 -20.87 17.40 8.78
CA GLN A 100 -22.10 18.09 9.21
C GLN A 100 -23.25 17.86 8.23
N GLN A 101 -22.94 17.72 6.95
CA GLN A 101 -23.97 17.62 5.87
C GLN A 101 -24.30 16.17 5.56
N PHE A 102 -23.30 15.28 5.57
CA PHE A 102 -23.47 13.90 5.03
C PHE A 102 -23.32 12.83 6.10
N GLY A 103 -22.83 13.18 7.29
CA GLY A 103 -22.29 12.17 8.20
C GLY A 103 -20.90 11.76 7.75
N PRO A 104 -20.35 10.66 8.32
CA PRO A 104 -19.01 10.22 7.99
C PRO A 104 -18.84 10.12 6.47
N THR A 105 -17.75 10.70 5.97
CA THR A 105 -17.55 10.86 4.51
C THR A 105 -16.09 10.53 4.18
N TYR A 106 -15.88 9.77 3.13
CA TYR A 106 -14.53 9.45 2.61
C TYR A 106 -14.38 9.94 1.17
N LEU A 107 -13.18 10.38 0.84
CA LEU A 107 -12.82 10.78 -0.52
C LEU A 107 -11.61 9.94 -0.91
N ASP A 108 -11.81 8.97 -1.81
CA ASP A 108 -10.73 8.04 -2.26
C ASP A 108 -10.09 7.39 -1.02
N GLY A 109 -10.90 7.05 -0.03
CA GLY A 109 -10.44 6.33 1.17
C GLY A 109 -10.03 7.23 2.33
N ALA A 110 -9.85 8.54 2.10
CA ALA A 110 -9.40 9.52 3.11
C ALA A 110 -10.62 10.07 3.84
N ASP A 111 -10.61 10.09 5.15
CA ASP A 111 -11.73 10.60 5.97
C ASP A 111 -11.78 12.11 5.83
N VAL A 112 -12.88 12.63 5.27
CA VAL A 112 -13.07 14.09 5.10
C VAL A 112 -14.24 14.58 5.96
N THR A 113 -14.63 13.81 6.97
CA THR A 113 -15.72 14.18 7.91
C THR A 113 -15.48 15.59 8.43
N LYS A 114 -14.24 15.89 8.83
CA LYS A 114 -13.94 17.14 9.54
C LYS A 114 -13.49 18.26 8.58
N ILE A 115 -13.49 17.98 7.27
CA ILE A 115 -12.90 18.88 6.23
C ILE A 115 -14.03 19.74 5.66
N LYS A 116 -13.72 21.00 5.34
CA LYS A 116 -14.66 21.90 4.64
C LYS A 116 -14.49 21.69 3.14
N PRO A 117 -15.59 21.75 2.37
CA PRO A 117 -15.48 21.68 0.92
C PRO A 117 -14.62 22.83 0.38
N HIS A 118 -13.88 22.50 -0.65
CA HIS A 118 -13.02 23.44 -1.42
C HIS A 118 -13.35 23.33 -2.90
N ASN A 119 -12.98 24.37 -3.64
CA ASN A 119 -13.23 24.37 -5.09
C ASN A 119 -12.67 23.10 -5.75
N SER A 120 -11.51 22.61 -5.29
CA SER A 120 -10.84 21.44 -5.91
C SER A 120 -11.68 20.17 -5.74
N HIS A 121 -12.69 20.18 -4.87
CA HIS A 121 -13.61 19.03 -4.66
C HIS A 121 -14.72 18.98 -5.70
N GLU A 122 -14.88 20.04 -6.50
CA GLU A 122 -15.99 20.09 -7.47
CA GLU A 122 -16.00 20.09 -7.46
C GLU A 122 -15.92 18.85 -8.35
N GLY A 123 -17.01 18.11 -8.46
CA GLY A 123 -17.12 16.98 -9.38
C GLY A 123 -16.46 15.70 -8.87
N LYS A 124 -15.92 15.70 -7.66
CA LYS A 124 -15.32 14.48 -7.07
CA LYS A 124 -15.32 14.50 -7.05
C LYS A 124 -16.40 13.62 -6.43
N THR A 125 -16.04 12.37 -6.19
CA THR A 125 -16.99 11.37 -5.64
C THR A 125 -16.67 11.05 -4.18
N PHE A 126 -17.66 11.23 -3.33
CA PHE A 126 -17.58 11.05 -1.87
C PHE A 126 -18.41 9.83 -1.47
N TYR A 127 -17.82 9.02 -0.60
CA TYR A 127 -18.46 7.80 -0.09
C TYR A 127 -19.07 8.08 1.27
N VAL A 128 -20.38 7.87 1.37
CA VAL A 128 -21.24 8.20 2.53
C VAL A 128 -22.04 6.99 3.00
N LEU A 129 -22.55 7.08 4.22
CA LEU A 129 -23.48 6.06 4.74
C LEU A 129 -24.83 6.22 4.06
N PRO A 130 -25.62 5.13 3.94
CA PRO A 130 -27.00 5.26 3.53
C PRO A 130 -27.78 6.11 4.52
N ASN A 131 -28.74 6.87 4.03
CA ASN A 131 -29.64 7.71 4.85
C ASN A 131 -30.68 6.82 5.55
N ASN B 2 12.55 -1.13 -3.70
CA ASN B 2 12.57 0.21 -4.38
C ASN B 2 11.62 1.19 -3.67
N ALA B 3 11.98 2.47 -3.67
CA ALA B 3 11.21 3.50 -2.93
C ALA B 3 9.82 3.63 -3.58
N THR B 4 8.78 3.74 -2.76
CA THR B 4 7.42 4.18 -3.17
C THR B 4 7.48 5.66 -3.55
N PRO B 5 6.48 6.21 -4.29
CA PRO B 5 6.49 7.65 -4.58
C PRO B 5 6.59 8.52 -3.31
N GLU B 6 5.89 8.14 -2.23
CA GLU B 6 5.94 8.86 -0.91
C GLU B 6 7.38 8.82 -0.35
N GLU B 7 8.03 7.66 -0.36
CA GLU B 7 9.42 7.53 0.15
C GLU B 7 10.37 8.31 -0.77
N HIS B 8 10.13 8.26 -2.08
CA HIS B 8 10.94 9.02 -3.05
C HIS B 8 10.83 10.52 -2.77
N PHE B 9 9.63 10.98 -2.49
CA PHE B 9 9.39 12.41 -2.19
C PHE B 9 10.19 12.82 -0.95
N ILE B 10 10.06 12.04 0.13
CA ILE B 10 10.80 12.32 1.39
C ILE B 10 12.31 12.34 1.10
N GLU B 11 12.80 11.29 0.47
CA GLU B 11 14.26 11.14 0.27
C GLU B 11 14.78 12.28 -0.58
N THR B 12 14.06 12.64 -1.65
CA THR B 12 14.54 13.71 -2.52
C THR B 12 14.61 15.03 -1.73
N ILE B 13 13.58 15.30 -0.95
CA ILE B 13 13.54 16.55 -0.14
C ILE B 13 14.63 16.50 0.92
N SER B 14 14.91 15.34 1.49
CA SER B 14 15.99 15.19 2.50
C SER B 14 17.36 15.57 1.94
N LEU B 15 17.59 15.39 0.64
CA LEU B 15 18.87 15.74 -0.02
C LEU B 15 18.87 17.21 -0.44
N ALA B 16 17.77 17.72 -0.97
CA ALA B 16 17.71 19.11 -1.47
C ALA B 16 17.61 20.10 -0.33
N GLY B 17 16.98 19.71 0.78
CA GLY B 17 16.93 20.54 2.01
C GLY B 17 15.64 21.28 2.18
N SER B 18 14.75 21.21 1.19
CA SER B 18 13.51 22.00 1.24
C SER B 18 12.55 21.50 0.17
N TYR B 19 11.31 21.89 0.36
CA TYR B 19 10.27 21.76 -0.68
C TYR B 19 9.58 23.10 -0.82
N LYS B 20 9.96 23.82 -1.86
CA LYS B 20 9.46 25.19 -2.06
C LYS B 20 9.83 26.01 -0.82
N ASP B 21 8.87 26.58 -0.09
CA ASP B 21 9.19 27.44 1.08
C ASP B 21 9.06 26.64 2.39
N TRP B 22 9.00 25.33 2.29
CA TRP B 22 9.09 24.44 3.50
C TRP B 22 10.53 23.95 3.69
N SER B 23 11.01 23.99 4.93
CA SER B 23 12.38 23.50 5.24
CA SER B 23 12.37 23.51 5.26
C SER B 23 12.34 22.07 5.73
N TYR B 24 13.30 21.28 5.26
CA TYR B 24 13.45 19.90 5.74
C TYR B 24 14.11 19.90 7.12
N SER B 25 13.62 19.03 8.00
CA SER B 25 14.21 18.82 9.35
C SER B 25 14.88 17.44 9.44
N GLY B 26 14.08 16.38 9.44
CA GLY B 26 14.57 15.00 9.59
C GLY B 26 14.70 14.54 11.06
N GLN B 27 14.49 15.43 12.03
CA GLN B 27 14.65 15.18 13.48
CA GLN B 27 14.73 15.05 13.44
C GLN B 27 13.58 14.18 13.96
N SER B 28 13.96 13.16 14.71
CA SER B 28 13.00 12.24 15.37
C SER B 28 12.40 12.92 16.58
N THR B 29 11.08 12.85 16.69
CA THR B 29 10.31 13.43 17.81
C THR B 29 9.27 12.43 18.28
N GLN B 30 8.55 12.83 19.34
CA GLN B 30 7.43 12.03 19.87
C GLN B 30 6.30 11.93 18.85
N LEU B 31 6.23 12.90 17.92
CA LEU B 31 5.14 12.96 16.90
C LEU B 31 5.55 12.23 15.61
N GLY B 32 6.78 11.73 15.54
CA GLY B 32 7.35 11.10 14.35
C GLY B 32 8.56 11.89 13.85
N ILE B 33 9.00 11.58 12.64
CA ILE B 33 10.10 12.35 12.02
C ILE B 33 9.53 13.71 11.61
N GLU B 34 10.09 14.78 12.13
CA GLU B 34 9.78 16.14 11.70
C GLU B 34 10.30 16.28 10.27
N PHE B 35 9.40 16.43 9.33
CA PHE B 35 9.72 16.32 7.89
C PHE B 35 9.91 17.71 7.31
N LEU B 36 8.85 18.50 7.33
CA LEU B 36 8.83 19.84 6.66
C LEU B 36 8.23 20.85 7.63
N LYS B 37 8.82 22.02 7.69
CA LYS B 37 8.39 23.15 8.54
C LYS B 37 8.20 24.39 7.67
N ARG B 38 7.12 25.15 7.90
CA ARG B 38 6.93 26.49 7.26
C ARG B 38 6.26 27.35 8.34
N GLY B 39 6.91 28.44 8.75
CA GLY B 39 6.54 29.23 9.94
C GLY B 39 6.49 28.35 11.19
N ASP B 40 5.35 28.32 11.89
CA ASP B 40 5.20 27.51 13.13
C ASP B 40 4.45 26.22 12.81
N LYS B 41 4.42 25.81 11.54
CA LYS B 41 3.72 24.57 11.10
C LYS B 41 4.74 23.48 10.78
N SER B 42 4.39 22.24 11.12
CA SER B 42 5.28 21.08 10.96
C SER B 42 4.46 19.91 10.45
N VAL B 43 4.97 19.27 9.41
CA VAL B 43 4.50 17.97 8.90
C VAL B 43 5.45 16.90 9.44
N TYR B 44 4.88 15.82 9.97
CA TYR B 44 5.63 14.67 10.50
C TYR B 44 5.34 13.47 9.64
N TYR B 45 6.25 12.50 9.64
CA TYR B 45 5.89 11.16 9.13
C TYR B 45 6.30 10.10 10.13
N THR B 46 5.56 9.01 10.06
CA THR B 46 5.90 7.75 10.72
C THR B 46 6.05 6.70 9.64
N SER B 47 6.57 5.55 10.03
CA SER B 47 6.91 4.44 9.11
C SER B 47 6.11 3.17 9.46
N ASN B 48 6.03 2.24 8.52
CA ASN B 48 5.38 0.92 8.69
C ASN B 48 3.88 1.09 8.85
N PRO B 49 3.19 1.59 7.80
CA PRO B 49 3.84 2.08 6.59
C PRO B 49 4.10 3.60 6.67
N THR B 50 4.68 4.18 5.62
CA THR B 50 4.89 5.64 5.53
C THR B 50 3.53 6.35 5.67
N THR B 51 3.40 7.19 6.70
CA THR B 51 2.16 7.91 7.07
C THR B 51 2.52 9.36 7.45
N PHE B 52 1.84 10.33 6.86
CA PHE B 52 2.06 11.76 7.19
C PHE B 52 1.04 12.20 8.23
N HIS B 53 1.50 13.08 9.13
CA HIS B 53 0.69 13.65 10.23
C HIS B 53 0.84 15.17 10.21
N LEU B 54 -0.27 15.87 10.33
CA LEU B 54 -0.29 17.34 10.43
C LEU B 54 -1.42 17.72 11.36
N ASP B 55 -1.09 18.48 12.42
CA ASP B 55 -2.11 18.99 13.38
C ASP B 55 -2.99 17.86 13.88
N GLY B 56 -2.37 16.72 14.18
CA GLY B 56 -3.06 15.60 14.84
C GLY B 56 -3.94 14.77 13.93
N GLU B 57 -3.84 14.97 12.62
CA GLU B 57 -4.60 14.20 11.63
C GLU B 57 -3.62 13.56 10.66
N VAL B 58 -3.96 12.36 10.22
CA VAL B 58 -3.28 11.73 9.06
C VAL B 58 -3.64 12.53 7.81
N ILE B 59 -2.66 12.78 6.97
CA ILE B 59 -2.90 13.44 5.67
C ILE B 59 -2.35 12.53 4.59
N THR B 60 -3.11 12.29 3.53
CA THR B 60 -2.63 11.42 2.44
C THR B 60 -1.51 12.12 1.68
N PHE B 61 -0.73 11.35 0.95
CA PHE B 61 0.38 11.90 0.14
C PHE B 61 -0.19 12.92 -0.85
N ASP B 62 -1.28 12.60 -1.52
CA ASP B 62 -1.83 13.53 -2.53
C ASP B 62 -2.30 14.81 -1.85
N ASN B 63 -2.96 14.68 -0.70
CA ASN B 63 -3.47 15.86 0.02
C ASN B 63 -2.28 16.66 0.56
N LEU B 64 -1.19 16.00 0.94
CA LEU B 64 0.02 16.70 1.43
C LEU B 64 0.62 17.55 0.30
N LYS B 65 0.75 16.97 -0.89
CA LYS B 65 1.36 17.74 -2.02
C LYS B 65 0.53 19.00 -2.29
N THR B 66 -0.79 18.90 -2.20
CA THR B 66 -1.68 20.07 -2.44
C THR B 66 -1.41 21.12 -1.37
N LEU B 67 -1.35 20.71 -0.11
CA LEU B 67 -1.17 21.65 1.01
C LEU B 67 0.22 22.30 0.93
N LEU B 68 1.26 21.55 0.57
CA LEU B 68 2.63 22.11 0.56
C LEU B 68 2.76 23.18 -0.52
N SER B 69 2.03 23.04 -1.63
CA SER B 69 2.14 24.00 -2.76
C SER B 69 1.30 25.26 -2.53
N LEU B 70 0.44 25.28 -1.54
CA LEU B 70 -0.42 26.47 -1.28
C LEU B 70 0.48 27.63 -0.90
N ARG B 71 0.16 28.79 -1.46
CA ARG B 71 0.86 30.04 -1.11
C ARG B 71 0.81 30.19 0.43
N GLU B 72 1.96 30.54 1.02
CA GLU B 72 2.04 30.84 2.45
C GLU B 72 1.29 32.15 2.69
N VAL B 73 0.57 32.23 3.81
CA VAL B 73 -0.14 33.47 4.17
C VAL B 73 0.90 34.50 4.63
N ARG B 74 0.95 35.67 3.97
CA ARG B 74 1.85 36.79 4.31
C ARG B 74 0.96 37.94 4.82
N THR B 75 1.39 38.60 5.88
CA THR B 75 0.61 39.68 6.53
C THR B 75 1.50 40.87 6.81
N ILE B 76 0.88 42.03 6.96
CA ILE B 76 1.52 43.20 7.58
C ILE B 76 0.58 43.74 8.66
N LYS B 77 1.14 44.56 9.53
CA LYS B 77 0.35 45.32 10.51
C LYS B 77 0.19 46.76 10.01
N VAL B 78 -1.03 47.25 10.13
CA VAL B 78 -1.34 48.64 9.77
C VAL B 78 -2.23 49.22 10.86
N PHE B 79 -2.52 50.49 10.77
CA PHE B 79 -3.55 51.12 11.63
C PHE B 79 -4.75 51.48 10.75
N THR B 80 -5.93 51.31 11.29
CA THR B 80 -7.17 51.85 10.70
C THR B 80 -7.67 52.96 11.57
N THR B 81 -8.42 53.84 10.92
CA THR B 81 -9.10 54.94 11.62
C THR B 81 -10.37 55.31 10.87
N VAL B 82 -11.41 55.67 11.61
CA VAL B 82 -12.67 56.18 10.99
C VAL B 82 -12.68 57.70 11.07
N ASP B 83 -11.72 58.31 11.76
CA ASP B 83 -11.85 59.75 12.14
C ASP B 83 -10.52 60.51 12.12
N ASN B 84 -9.39 59.85 11.84
CA ASN B 84 -8.05 60.48 11.91
C ASN B 84 -7.72 60.93 13.34
N ILE B 85 -8.39 60.36 14.35
CA ILE B 85 -8.16 60.65 15.79
C ILE B 85 -7.81 59.33 16.50
N ASN B 86 -8.67 58.32 16.35
CA ASN B 86 -8.51 57.03 17.05
C ASN B 86 -8.01 56.01 16.05
N LEU B 87 -6.88 55.39 16.33
CA LEU B 87 -6.27 54.39 15.45
C LEU B 87 -6.38 53.01 16.11
N HIS B 88 -6.64 52.01 15.29
CA HIS B 88 -6.71 50.59 15.74
CA HIS B 88 -6.72 50.60 15.74
C HIS B 88 -5.71 49.77 14.96
N THR B 89 -4.87 49.01 15.64
CA THR B 89 -3.93 48.12 14.95
C THR B 89 -4.70 46.95 14.34
N GLN B 90 -4.38 46.60 13.10
CA GLN B 90 -5.00 45.49 12.36
C GLN B 90 -3.91 44.74 11.59
N VAL B 91 -4.10 43.44 11.47
CA VAL B 91 -3.29 42.61 10.55
C VAL B 91 -4.09 42.43 9.27
N VAL B 92 -3.40 42.66 8.16
CA VAL B 92 -3.99 42.44 6.81
C VAL B 92 -3.21 41.38 6.05
N ASP B 93 -3.95 40.63 5.25
CA ASP B 93 -3.47 39.56 4.36
C ASP B 93 -3.01 40.25 3.07
N MET B 94 -1.79 40.02 2.67
CA MET B 94 -1.17 40.68 1.49
C MET B 94 -1.75 40.11 0.18
N SER B 95 -2.52 39.02 0.27
CA SER B 95 -3.14 38.36 -0.91
C SER B 95 -4.52 38.95 -1.23
N MET B 96 -5.06 39.78 -0.36
CA MET B 96 -6.42 40.37 -0.54
C MET B 96 -6.29 41.89 -0.61
N THR B 97 -7.21 42.54 -1.33
CA THR B 97 -7.17 44.00 -1.39
C THR B 97 -7.55 44.57 -0.01
N TYR B 98 -7.24 45.85 0.19
CA TYR B 98 -7.75 46.57 1.37
C TYR B 98 -9.27 46.52 1.35
N GLY B 99 -9.87 46.72 0.18
CA GLY B 99 -11.35 46.75 0.07
C GLY B 99 -11.97 45.44 0.52
N GLN B 100 -11.37 44.32 0.16
CA GLN B 100 -11.92 42.99 0.56
C GLN B 100 -11.95 42.87 2.08
N GLN B 101 -10.99 43.50 2.76
CA GLN B 101 -10.76 43.32 4.22
C GLN B 101 -11.45 44.41 5.04
N PHE B 102 -11.49 45.66 4.54
CA PHE B 102 -11.93 46.84 5.32
C PHE B 102 -13.16 47.54 4.70
N GLY B 103 -13.54 47.20 3.48
CA GLY B 103 -14.42 48.08 2.70
C GLY B 103 -13.59 49.21 2.11
N PRO B 104 -14.27 50.25 1.60
CA PRO B 104 -13.60 51.37 0.98
C PRO B 104 -12.53 51.92 1.92
N THR B 105 -11.34 52.12 1.37
CA THR B 105 -10.14 52.44 2.16
C THR B 105 -9.32 53.52 1.45
N TYR B 106 -8.85 54.49 2.23
CA TYR B 106 -8.01 55.59 1.71
C TYR B 106 -6.69 55.64 2.48
N LEU B 107 -5.61 55.93 1.79
CA LEU B 107 -4.27 56.14 2.38
C LEU B 107 -3.83 57.55 2.02
N ASP B 108 -3.83 58.45 3.00
CA ASP B 108 -3.49 59.88 2.78
C ASP B 108 -4.33 60.45 1.62
N GLY B 109 -5.62 60.14 1.59
CA GLY B 109 -6.56 60.71 0.60
C GLY B 109 -6.65 59.89 -0.69
N ALA B 110 -5.71 58.97 -0.95
CA ALA B 110 -5.69 58.14 -2.18
C ALA B 110 -6.52 56.87 -1.95
N ASP B 111 -7.36 56.51 -2.90
CA ASP B 111 -8.23 55.32 -2.80
C ASP B 111 -7.37 54.05 -2.97
N VAL B 112 -7.33 53.19 -1.96
CA VAL B 112 -6.54 51.93 -2.04
C VAL B 112 -7.48 50.72 -1.92
N THR B 113 -8.77 50.91 -2.17
CA THR B 113 -9.78 49.83 -2.07
C THR B 113 -9.32 48.63 -2.92
N LYS B 114 -8.77 48.89 -4.12
CA LYS B 114 -8.48 47.83 -5.10
C LYS B 114 -7.00 47.40 -5.03
N ILE B 115 -6.26 47.91 -4.05
CA ILE B 115 -4.79 47.68 -3.90
C ILE B 115 -4.55 46.60 -2.85
N LYS B 116 -3.50 45.80 -3.06
CA LYS B 116 -3.06 44.80 -2.05
C LYS B 116 -2.01 45.41 -1.14
N PRO B 117 -1.99 44.99 0.12
CA PRO B 117 -0.98 45.44 1.05
C PRO B 117 0.43 45.08 0.56
N HIS B 118 1.34 46.02 0.68
CA HIS B 118 2.77 45.84 0.37
C HIS B 118 3.58 46.11 1.64
N ASN B 119 4.83 45.66 1.63
CA ASN B 119 5.69 45.86 2.81
C ASN B 119 5.79 47.35 3.14
N SER B 120 5.78 48.21 2.12
CA SER B 120 5.94 49.67 2.33
C SER B 120 4.76 50.25 3.14
N HIS B 121 3.65 49.52 3.27
CA HIS B 121 2.45 49.97 4.02
C HIS B 121 2.53 49.63 5.50
N GLU B 122 3.55 48.85 5.90
CA GLU B 122 3.66 48.41 7.30
C GLU B 122 3.62 49.64 8.20
N GLY B 123 2.70 49.68 9.16
CA GLY B 123 2.64 50.75 10.17
C GLY B 123 1.94 52.01 9.67
N LYS B 124 1.46 52.03 8.43
CA LYS B 124 0.74 53.21 7.89
CA LYS B 124 0.74 53.20 7.89
C LYS B 124 -0.72 53.20 8.36
N THR B 125 -1.35 54.36 8.26
CA THR B 125 -2.73 54.58 8.73
C THR B 125 -3.67 54.67 7.55
N PHE B 126 -4.72 53.87 7.60
CA PHE B 126 -5.75 53.72 6.57
C PHE B 126 -7.07 54.23 7.12
N TYR B 127 -7.77 55.00 6.28
CA TYR B 127 -9.06 55.61 6.63
C TYR B 127 -10.17 54.76 6.06
N VAL B 128 -11.06 54.30 6.93
CA VAL B 128 -12.11 53.29 6.62
C VAL B 128 -13.46 53.78 7.14
N LEU B 129 -14.52 53.16 6.68
CA LEU B 129 -15.88 53.40 7.19
C LEU B 129 -16.02 52.73 8.55
N PRO B 130 -16.90 53.25 9.41
CA PRO B 130 -17.29 52.52 10.61
C PRO B 130 -17.99 51.21 10.24
N ASN B 131 -17.77 50.18 11.05
CA ASN B 131 -18.51 48.90 10.95
C ASN B 131 -19.86 49.03 11.67
N SER C 1 18.47 66.14 7.83
CA SER C 1 18.20 65.26 9.02
C SER C 1 19.33 64.24 9.19
N ASN C 2 19.81 64.05 10.42
CA ASN C 2 20.97 63.16 10.70
C ASN C 2 20.50 61.70 10.59
N ALA C 3 21.34 60.84 10.02
CA ALA C 3 21.00 59.43 9.82
C ALA C 3 20.79 58.77 11.18
N THR C 4 19.77 57.93 11.28
CA THR C 4 19.58 56.99 12.41
C THR C 4 20.65 55.90 12.31
N PRO C 5 20.89 55.11 13.38
CA PRO C 5 21.85 54.01 13.26
C PRO C 5 21.51 53.04 12.13
N GLU C 6 20.21 52.76 11.92
CA GLU C 6 19.75 51.85 10.84
C GLU C 6 20.12 52.46 9.48
N GLU C 7 19.85 53.75 9.30
CA GLU C 7 20.17 54.43 8.02
C GLU C 7 21.68 54.47 7.81
N HIS C 8 22.43 54.73 8.89
CA HIS C 8 23.89 54.77 8.81
C HIS C 8 24.41 53.39 8.38
N PHE C 9 23.84 52.34 8.94
CA PHE C 9 24.22 50.95 8.61
C PHE C 9 24.04 50.71 7.11
N ILE C 10 22.84 51.05 6.61
CA ILE C 10 22.52 50.86 5.17
C ILE C 10 23.47 51.67 4.31
N GLU C 11 23.66 52.96 4.64
CA GLU C 11 24.48 53.83 3.79
C GLU C 11 25.92 53.34 3.75
N THR C 12 26.48 52.96 4.90
CA THR C 12 27.87 52.49 4.96
C THR C 12 28.00 51.24 4.10
N ILE C 13 27.06 50.30 4.25
CA ILE C 13 27.10 49.05 3.48
C ILE C 13 26.97 49.33 1.97
N SER C 14 26.12 50.26 1.61
CA SER C 14 25.92 50.65 0.18
C SER C 14 27.23 51.12 -0.45
N LEU C 15 28.06 51.81 0.34
CA LEU C 15 29.35 52.32 -0.17
C LEU C 15 30.40 51.23 -0.24
N ALA C 16 30.40 50.33 0.76
CA ALA C 16 31.44 49.28 0.88
C ALA C 16 31.13 48.12 -0.06
N GLY C 17 29.84 47.83 -0.29
CA GLY C 17 29.41 46.81 -1.25
C GLY C 17 28.97 45.50 -0.62
N SER C 18 29.13 45.35 0.70
CA SER C 18 28.83 44.06 1.36
C SER C 18 28.83 44.29 2.86
N TYR C 19 28.31 43.30 3.56
CA TYR C 19 28.41 43.17 5.02
C TYR C 19 28.79 41.72 5.31
N LYS C 20 30.02 41.51 5.74
CA LYS C 20 30.56 40.17 5.99
C LYS C 20 30.35 39.33 4.71
N ASP C 21 29.61 38.22 4.78
CA ASP C 21 29.43 37.35 3.58
CA ASP C 21 29.39 37.32 3.61
C ASP C 21 28.09 37.67 2.88
N TRP C 22 27.48 38.81 3.20
CA TRP C 22 26.26 39.28 2.50
C TRP C 22 26.66 40.35 1.46
N SER C 23 26.11 40.23 0.26
CA SER C 23 26.35 41.21 -0.83
CA SER C 23 26.37 41.23 -0.82
CA SER C 23 26.37 41.22 -0.82
C SER C 23 25.28 42.31 -0.82
N TYR C 24 25.71 43.55 -1.03
CA TYR C 24 24.75 44.67 -1.17
C TYR C 24 24.15 44.61 -2.57
N SER C 25 22.84 44.83 -2.64
CA SER C 25 22.09 44.94 -3.91
C SER C 25 21.68 46.38 -4.18
N GLY C 26 20.70 46.88 -3.46
CA GLY C 26 20.17 48.24 -3.67
C GLY C 26 19.00 48.26 -4.66
N GLN C 27 18.66 47.13 -5.27
CA GLN C 27 17.58 47.11 -6.31
C GLN C 27 16.21 47.38 -5.69
N SER C 28 15.38 48.15 -6.38
CA SER C 28 14.01 48.43 -5.91
C SER C 28 13.07 47.30 -6.37
N THR C 29 12.31 46.75 -5.44
CA THR C 29 11.39 45.63 -5.67
C THR C 29 10.04 45.90 -5.01
N GLN C 30 9.08 45.06 -5.34
CA GLN C 30 7.75 45.10 -4.69
C GLN C 30 7.86 44.89 -3.18
N LEU C 31 8.91 44.22 -2.72
CA LEU C 31 9.11 43.91 -1.28
C LEU C 31 9.88 45.00 -0.56
N GLY C 32 10.34 46.00 -1.29
CA GLY C 32 11.20 47.06 -0.76
C GLY C 32 12.53 47.08 -1.47
N ILE C 33 13.48 47.81 -0.93
CA ILE C 33 14.85 47.81 -1.47
C ILE C 33 15.49 46.49 -1.09
N GLU C 34 15.93 45.74 -2.08
CA GLU C 34 16.76 44.53 -1.90
CA GLU C 34 16.73 44.53 -1.83
C GLU C 34 18.09 45.02 -1.33
N PHE C 35 18.35 44.73 -0.06
CA PHE C 35 19.48 45.34 0.65
C PHE C 35 20.68 44.40 0.66
N LEU C 36 20.51 43.23 1.27
CA LEU C 36 21.63 42.26 1.43
C LEU C 36 21.18 40.88 0.97
N LYS C 37 22.07 40.18 0.30
CA LYS C 37 21.81 38.84 -0.23
C LYS C 37 22.90 37.88 0.23
N ARG C 38 22.51 36.66 0.58
CA ARG C 38 23.50 35.58 0.85
C ARG C 38 22.81 34.27 0.46
N GLY C 39 23.36 33.61 -0.54
CA GLY C 39 22.70 32.46 -1.17
C GLY C 39 21.30 32.84 -1.57
N ASP C 40 20.31 32.09 -1.09
CA ASP C 40 18.89 32.26 -1.52
C ASP C 40 18.14 33.19 -0.56
N LYS C 41 18.84 33.84 0.36
CA LYS C 41 18.20 34.77 1.33
C LYS C 41 18.41 36.22 0.91
N SER C 42 17.37 37.02 1.09
CA SER C 42 17.41 38.47 0.80
C SER C 42 16.75 39.21 1.95
N VAL C 43 17.47 40.20 2.46
CA VAL C 43 16.91 41.18 3.41
C VAL C 43 16.51 42.41 2.61
N TYR C 44 15.31 42.90 2.88
CA TYR C 44 14.76 44.12 2.24
C TYR C 44 14.62 45.22 3.27
N TYR C 45 14.59 46.47 2.81
CA TYR C 45 14.13 47.56 3.69
C TYR C 45 13.08 48.40 2.98
N THR C 46 12.24 48.99 3.81
CA THR C 46 11.36 50.10 3.39
C THR C 46 11.78 51.32 4.20
N SER C 47 11.37 52.50 3.77
CA SER C 47 11.84 53.80 4.33
C SER C 47 10.69 54.61 4.92
N ASN C 48 11.04 55.63 5.70
CA ASN C 48 10.11 56.63 6.27
C ASN C 48 8.97 55.91 6.97
N PRO C 49 9.22 55.13 8.05
CA PRO C 49 10.55 54.93 8.65
C PRO C 49 11.30 53.68 8.17
N THR C 50 12.60 53.61 8.43
CA THR C 50 13.44 52.47 7.99
C THR C 50 13.01 51.20 8.72
N THR C 51 12.58 50.21 7.94
CA THR C 51 12.05 48.93 8.45
C THR C 51 12.66 47.80 7.63
N PHE C 52 13.21 46.80 8.30
CA PHE C 52 13.83 45.64 7.64
C PHE C 52 12.82 44.51 7.56
N HIS C 53 12.87 43.77 6.44
CA HIS C 53 11.96 42.64 6.19
C HIS C 53 12.78 41.44 5.73
N LEU C 54 12.46 40.26 6.26
CA LEU C 54 13.11 39.01 5.85
C LEU C 54 12.09 37.89 5.98
N ASP C 55 11.89 37.13 4.91
CA ASP C 55 11.01 35.94 4.91
C ASP C 55 9.61 36.30 5.44
N GLY C 56 9.08 37.44 5.00
CA GLY C 56 7.70 37.87 5.28
C GLY C 56 7.51 38.39 6.69
N GLU C 57 8.57 38.70 7.44
CA GLU C 57 8.47 39.26 8.81
C GLU C 57 9.34 40.50 8.91
N VAL C 58 8.89 41.47 9.69
CA VAL C 58 9.74 42.61 10.13
C VAL C 58 10.81 42.03 11.06
N ILE C 59 12.04 42.46 10.85
CA ILE C 59 13.18 42.09 11.71
C ILE C 59 13.74 43.38 12.31
N THR C 60 13.91 43.40 13.63
CA THR C 60 14.48 44.59 14.33
C THR C 60 15.95 44.73 13.92
N PHE C 61 16.48 45.94 14.07
CA PHE C 61 17.89 46.22 13.71
C PHE C 61 18.83 45.31 14.52
N ASP C 62 18.59 45.17 15.81
CA ASP C 62 19.52 44.36 16.64
C ASP C 62 19.41 42.90 16.19
N ASN C 63 18.20 42.44 15.90
CA ASN C 63 18.02 41.02 15.49
C ASN C 63 18.66 40.85 14.11
N LEU C 64 18.60 41.87 13.26
CA LEU C 64 19.19 41.74 11.92
C LEU C 64 20.70 41.56 12.03
N LYS C 65 21.35 42.35 12.87
CA LYS C 65 22.81 42.28 12.96
C LYS C 65 23.21 40.88 13.47
N THR C 66 22.43 40.30 14.38
CA THR C 66 22.71 38.93 14.89
C THR C 66 22.60 37.95 13.72
N LEU C 67 21.50 38.04 12.99
CA LEU C 67 21.22 37.11 11.88
C LEU C 67 22.32 37.22 10.81
N LEU C 68 22.74 38.43 10.46
CA LEU C 68 23.75 38.62 9.40
C LEU C 68 25.08 37.98 9.80
N SER C 69 25.40 37.96 11.10
CA SER C 69 26.70 37.45 11.55
C SER C 69 26.72 35.92 11.68
N LEU C 70 25.57 35.28 11.64
CA LEU C 70 25.52 33.80 11.79
C LEU C 70 26.19 33.14 10.60
N ARG C 71 26.98 32.10 10.88
CA ARG C 71 27.57 31.28 9.81
C ARG C 71 26.46 30.53 9.05
N GLU C 72 26.71 30.28 7.76
CA GLU C 72 25.86 29.38 6.94
C GLU C 72 26.00 27.94 7.44
N VAL C 73 24.90 27.19 7.42
CA VAL C 73 24.90 25.73 7.64
C VAL C 73 25.65 25.09 6.48
N ARG C 74 26.73 24.38 6.81
CA ARG C 74 27.55 23.65 5.84
C ARG C 74 27.14 22.17 5.85
N THR C 75 26.91 21.59 4.68
CA THR C 75 26.50 20.19 4.53
C THR C 75 27.33 19.54 3.42
N ILE C 76 27.43 18.23 3.50
CA ILE C 76 27.94 17.39 2.38
C ILE C 76 26.98 16.22 2.21
N LYS C 77 27.00 15.62 1.04
CA LYS C 77 26.28 14.36 0.79
C LYS C 77 27.29 13.22 0.89
N VAL C 78 26.88 12.18 1.60
CA VAL C 78 27.66 10.94 1.73
C VAL C 78 26.74 9.78 1.43
N PHE C 79 27.30 8.59 1.36
CA PHE C 79 26.50 7.36 1.35
C PHE C 79 26.62 6.69 2.71
N THR C 80 25.51 6.13 3.18
CA THR C 80 25.53 5.25 4.35
C THR C 80 25.19 3.84 3.90
N THR C 81 25.68 2.87 4.65
CA THR C 81 25.35 1.46 4.36
C THR C 81 25.37 0.71 5.67
N VAL C 82 24.52 -0.30 5.77
CA VAL C 82 24.56 -1.24 6.92
C VAL C 82 25.24 -2.53 6.49
N ASP C 83 25.59 -2.70 5.23
CA ASP C 83 25.97 -4.04 4.70
C ASP C 83 27.08 -3.99 3.65
N ASN C 84 27.51 -2.82 3.20
CA ASN C 84 28.50 -2.66 2.10
C ASN C 84 27.92 -3.20 0.79
N ILE C 85 26.60 -3.34 0.70
CA ILE C 85 25.93 -3.76 -0.57
C ILE C 85 24.96 -2.68 -1.03
N ASN C 86 24.13 -2.18 -0.12
CA ASN C 86 23.08 -1.20 -0.42
C ASN C 86 23.54 0.12 0.17
N LEU C 87 23.65 1.16 -0.66
CA LEU C 87 24.09 2.49 -0.23
C LEU C 87 22.90 3.45 -0.31
N HIS C 88 22.77 4.30 0.70
CA HIS C 88 21.72 5.32 0.79
C HIS C 88 22.38 6.69 0.84
N THR C 89 22.00 7.60 -0.05
CA THR C 89 22.55 8.99 -0.03
C THR C 89 21.93 9.73 1.14
N GLN C 90 22.74 10.41 1.93
CA GLN C 90 22.32 11.18 3.11
C GLN C 90 23.08 12.49 3.18
N VAL C 91 22.41 13.53 3.64
CA VAL C 91 23.08 14.82 3.91
C VAL C 91 23.53 14.80 5.37
N VAL C 92 24.71 15.30 5.60
CA VAL C 92 25.23 15.51 6.98
C VAL C 92 25.60 16.98 7.19
N ASP C 93 25.36 17.45 8.40
CA ASP C 93 25.75 18.80 8.87
C ASP C 93 27.20 18.72 9.31
N MET C 94 28.06 19.57 8.77
CA MET C 94 29.51 19.51 9.04
C MET C 94 29.83 19.98 10.46
N SER C 95 28.85 20.50 11.20
CA SER C 95 29.05 21.00 12.58
C SER C 95 28.74 19.93 13.64
N MET C 96 28.25 18.76 13.24
CA MET C 96 27.92 17.67 14.20
C MET C 96 28.74 16.43 13.83
N THR C 97 29.09 15.61 14.84
CA THR C 97 29.88 14.41 14.53
C THR C 97 29.02 13.43 13.75
N TYR C 98 29.67 12.47 13.11
CA TYR C 98 28.94 11.34 12.51
C TYR C 98 28.17 10.61 13.59
N GLY C 99 28.79 10.45 14.77
CA GLY C 99 28.10 9.71 15.84
C GLY C 99 26.81 10.40 16.25
N GLN C 100 26.79 11.73 16.34
CA GLN C 100 25.58 12.51 16.72
CA GLN C 100 25.55 12.41 16.76
C GLN C 100 24.47 12.23 15.70
N GLN C 101 24.84 12.06 14.42
CA GLN C 101 23.88 12.01 13.28
C GLN C 101 23.46 10.57 12.96
N PHE C 102 24.37 9.63 13.08
CA PHE C 102 24.18 8.24 12.59
C PHE C 102 24.31 7.20 13.70
N GLY C 103 24.86 7.56 14.85
CA GLY C 103 25.35 6.54 15.78
C GLY C 103 26.75 6.08 15.38
N PRO C 104 27.24 4.97 15.97
CA PRO C 104 28.56 4.46 15.65
C PRO C 104 28.74 4.36 14.14
N THR C 105 29.86 4.90 13.65
CA THR C 105 30.08 5.08 12.21
C THR C 105 31.53 4.75 11.87
N TYR C 106 31.72 3.99 10.79
CA TYR C 106 33.09 3.66 10.30
C TYR C 106 33.24 4.12 8.86
N LEU C 107 34.44 4.56 8.51
CA LEU C 107 34.82 4.92 7.13
C LEU C 107 36.01 4.03 6.75
N ASP C 108 35.76 3.04 5.88
CA ASP C 108 36.81 2.06 5.47
C ASP C 108 37.49 1.48 6.71
N GLY C 109 36.70 1.12 7.73
CA GLY C 109 37.15 0.43 8.96
C GLY C 109 37.65 1.37 10.05
N ALA C 110 37.88 2.64 9.76
CA ALA C 110 38.26 3.69 10.73
C ALA C 110 37.03 4.19 11.48
N ASP C 111 37.12 4.31 12.78
CA ASP C 111 35.99 4.78 13.61
C ASP C 111 35.90 6.30 13.48
N VAL C 112 34.80 6.80 12.91
CA VAL C 112 34.61 8.26 12.75
C VAL C 112 33.47 8.77 13.63
N THR C 113 33.05 8.00 14.63
CA THR C 113 31.93 8.36 15.53
C THR C 113 32.18 9.78 16.11
N LYS C 114 33.42 10.09 16.52
CA LYS C 114 33.71 11.35 17.24
CA LYS C 114 33.70 11.36 17.25
C LYS C 114 34.26 12.41 16.29
N ILE C 115 34.18 12.17 14.98
CA ILE C 115 34.77 13.05 13.94
C ILE C 115 33.63 13.79 13.23
N LYS C 116 33.90 15.06 12.87
CA LYS C 116 32.91 15.86 12.11
C LYS C 116 33.22 15.72 10.64
N PRO C 117 32.19 15.84 9.80
CA PRO C 117 32.40 15.72 8.36
C PRO C 117 33.44 16.72 7.85
N HIS C 118 34.30 16.24 6.97
CA HIS C 118 35.31 17.06 6.28
C HIS C 118 34.95 17.13 4.79
N ASN C 119 35.39 18.17 4.11
CA ASN C 119 35.07 18.31 2.67
C ASN C 119 35.49 17.05 1.89
N SER C 120 36.58 16.39 2.28
CA SER C 120 37.11 15.23 1.55
C SER C 120 36.18 14.01 1.72
N HIS C 121 35.21 14.07 2.63
CA HIS C 121 34.25 12.95 2.87
C HIS C 121 33.11 12.96 1.85
N GLU C 122 32.96 14.02 1.04
CA GLU C 122 31.79 14.12 0.14
C GLU C 122 31.82 12.90 -0.78
N GLY C 123 30.71 12.19 -0.86
CA GLY C 123 30.56 11.04 -1.76
C GLY C 123 31.21 9.77 -1.24
N LYS C 124 31.81 9.78 -0.05
CA LYS C 124 32.38 8.56 0.58
C LYS C 124 31.27 7.74 1.22
N THR C 125 31.61 6.49 1.52
CA THR C 125 30.64 5.51 2.05
C THR C 125 30.94 5.22 3.52
N PHE C 126 29.95 5.40 4.37
CA PHE C 126 30.03 5.24 5.84
C PHE C 126 29.18 4.07 6.28
N TYR C 127 29.77 3.21 7.12
CA TYR C 127 29.13 1.97 7.62
C TYR C 127 28.52 2.27 8.98
N VAL C 128 27.22 2.07 9.09
CA VAL C 128 26.38 2.43 10.26
C VAL C 128 25.58 1.22 10.73
N LEU C 129 25.05 1.32 11.94
CA LEU C 129 24.12 0.30 12.46
C LEU C 129 22.77 0.44 11.79
N PRO C 130 21.99 -0.64 11.69
CA PRO C 130 20.60 -0.53 11.25
C PRO C 130 19.75 0.24 12.29
N ASN C 131 18.68 0.83 11.76
CA ASN C 131 17.64 1.63 12.47
C ASN C 131 16.76 0.70 13.32
N SER D 1 13.75 -0.53 2.99
CA SER D 1 13.91 -1.43 4.17
C SER D 1 15.28 -2.10 4.12
N ASN D 2 15.98 -2.15 5.25
CA ASN D 2 17.29 -2.83 5.38
C ASN D 2 17.10 -4.33 5.11
N ALA D 3 18.04 -4.97 4.42
CA ALA D 3 18.00 -6.42 4.11
C ALA D 3 17.81 -7.20 5.41
N THR D 4 16.94 -8.22 5.38
CA THR D 4 16.82 -9.29 6.41
C THR D 4 18.06 -10.18 6.31
N PRO D 5 18.35 -11.06 7.29
CA PRO D 5 19.48 -11.98 7.17
C PRO D 5 19.41 -12.85 5.90
N GLU D 6 18.19 -13.28 5.53
CA GLU D 6 17.91 -14.09 4.32
C GLU D 6 18.29 -13.27 3.07
N GLU D 7 17.86 -12.02 3.00
CA GLU D 7 18.18 -11.17 1.82
C GLU D 7 19.69 -10.89 1.80
N HIS D 8 20.26 -10.59 2.96
CA HIS D 8 21.71 -10.36 3.09
C HIS D 8 22.48 -11.59 2.59
N PHE D 9 22.01 -12.77 2.96
CA PHE D 9 22.64 -14.05 2.54
C PHE D 9 22.60 -14.12 1.01
N ILE D 10 21.43 -13.87 0.42
CA ILE D 10 21.28 -13.89 -1.07
C ILE D 10 22.21 -12.87 -1.71
N GLU D 11 22.16 -11.61 -1.25
CA GLU D 11 22.90 -10.52 -1.93
C GLU D 11 24.41 -10.77 -1.83
N THR D 12 24.89 -11.18 -0.66
CA THR D 12 26.33 -11.48 -0.50
C THR D 12 26.78 -12.58 -1.49
N ILE D 13 25.99 -13.64 -1.58
CA ILE D 13 26.31 -14.78 -2.47
C ILE D 13 26.23 -14.34 -3.94
N SER D 14 25.29 -13.46 -4.27
CA SER D 14 25.16 -12.96 -5.66
C SER D 14 26.43 -12.21 -6.06
N LEU D 15 27.10 -11.56 -5.12
CA LEU D 15 28.34 -10.80 -5.42
C LEU D 15 29.55 -11.74 -5.49
N ALA D 16 29.63 -12.71 -4.58
CA ALA D 16 30.80 -13.61 -4.45
C ALA D 16 30.77 -14.70 -5.52
N GLY D 17 29.59 -15.13 -5.94
CA GLY D 17 29.41 -16.07 -7.06
C GLY D 17 29.15 -17.49 -6.62
N SER D 18 29.15 -17.76 -5.32
CA SER D 18 28.99 -19.13 -4.82
C SER D 18 28.79 -19.11 -3.31
N TYR D 19 28.35 -20.26 -2.82
CA TYR D 19 28.37 -20.56 -1.37
C TYR D 19 28.92 -21.96 -1.20
N LYS D 20 30.14 -22.04 -0.67
CA LYS D 20 30.79 -23.35 -0.50
C LYS D 20 30.81 -24.02 -1.86
N ASP D 21 30.26 -25.23 -2.03
CA ASP D 21 30.41 -25.94 -3.33
CA ASP D 21 30.40 -25.96 -3.32
C ASP D 21 29.18 -25.72 -4.21
N TRP D 22 28.34 -24.74 -3.85
CA TRP D 22 27.13 -24.35 -4.65
C TRP D 22 27.43 -23.10 -5.47
N SER D 23 27.03 -23.09 -6.73
CA SER D 23 27.27 -21.96 -7.66
C SER D 23 26.04 -21.04 -7.71
N TYR D 24 26.28 -19.75 -7.71
CA TYR D 24 25.21 -18.75 -7.91
C TYR D 24 24.78 -18.71 -9.38
N SER D 25 23.47 -18.62 -9.57
CA SER D 25 22.87 -18.50 -10.93
C SER D 25 22.28 -17.09 -11.12
N GLY D 26 21.17 -16.79 -10.44
CA GLY D 26 20.50 -15.48 -10.54
C GLY D 26 19.46 -15.44 -11.63
N GLN D 27 19.35 -16.51 -12.43
CA GLN D 27 18.47 -16.60 -13.62
C GLN D 27 17.01 -16.67 -13.17
N SER D 28 16.12 -15.95 -13.85
CA SER D 28 14.70 -15.90 -13.45
C SER D 28 13.98 -17.05 -14.15
N THR D 29 13.16 -17.80 -13.40
CA THR D 29 12.43 -19.02 -13.85
C THR D 29 11.01 -19.01 -13.26
N GLN D 30 10.16 -19.96 -13.70
CA GLN D 30 8.76 -20.08 -13.22
CA GLN D 30 8.76 -20.01 -13.19
C GLN D 30 8.76 -20.52 -11.75
N LEU D 31 9.86 -21.10 -11.26
CA LEU D 31 9.97 -21.54 -9.84
C LEU D 31 10.55 -20.42 -8.96
N GLY D 32 10.82 -19.25 -9.56
CA GLY D 32 11.46 -18.11 -8.88
C GLY D 32 12.85 -17.88 -9.41
N ILE D 33 13.66 -17.12 -8.63
CA ILE D 33 15.07 -16.84 -9.01
CA ILE D 33 15.07 -16.84 -9.01
C ILE D 33 15.88 -18.09 -8.68
N GLU D 34 16.51 -18.66 -9.71
CA GLU D 34 17.48 -19.76 -9.49
C GLU D 34 18.63 -19.18 -8.70
N PHE D 35 18.81 -19.65 -7.48
CA PHE D 35 19.72 -19.02 -6.49
C PHE D 35 21.05 -19.77 -6.46
N LEU D 36 21.00 -21.05 -6.07
CA LEU D 36 22.23 -21.86 -5.91
C LEU D 36 22.05 -23.22 -6.57
N LYS D 37 23.10 -23.67 -7.26
CA LYS D 37 23.10 -24.94 -7.99
C LYS D 37 24.26 -25.83 -7.51
N ARG D 38 23.99 -27.12 -7.38
CA ARG D 38 25.06 -28.13 -7.20
CA ARG D 38 25.06 -28.14 -7.20
C ARG D 38 24.52 -29.48 -7.70
N GLY D 39 25.20 -30.08 -8.68
CA GLY D 39 24.68 -31.31 -9.29
C GLY D 39 23.25 -31.09 -9.75
N ASP D 40 22.32 -31.97 -9.36
CA ASP D 40 20.91 -31.94 -9.84
C ASP D 40 20.03 -31.12 -8.90
N LYS D 41 20.63 -30.40 -7.95
CA LYS D 41 19.90 -29.60 -6.93
C LYS D 41 20.00 -28.12 -7.32
N SER D 42 18.84 -27.49 -7.34
CA SER D 42 18.65 -26.04 -7.54
C SER D 42 17.79 -25.49 -6.42
N VAL D 43 18.34 -24.55 -5.67
CA VAL D 43 17.59 -23.73 -4.68
C VAL D 43 17.10 -22.49 -5.41
N TYR D 44 15.83 -22.18 -5.20
CA TYR D 44 15.16 -20.97 -5.76
C TYR D 44 14.79 -20.05 -4.60
N TYR D 45 14.57 -18.76 -4.89
CA TYR D 45 13.84 -17.90 -3.94
C TYR D 45 12.73 -17.13 -4.66
N THR D 46 11.68 -16.89 -3.88
CA THR D 46 10.57 -15.92 -4.17
C THR D 46 10.70 -14.73 -3.21
N SER D 47 9.86 -13.70 -3.37
CA SER D 47 9.85 -12.47 -2.56
C SER D 47 8.46 -12.22 -1.94
N ASN D 48 8.41 -11.38 -0.91
CA ASN D 48 7.17 -10.83 -0.31
C ASN D 48 6.42 -11.92 0.46
N PRO D 49 7.01 -12.54 1.52
CA PRO D 49 8.40 -12.33 1.91
C PRO D 49 9.36 -13.26 1.17
N THR D 50 10.64 -12.98 1.32
CA THR D 50 11.73 -13.78 0.77
C THR D 50 11.57 -15.23 1.27
N THR D 51 11.44 -16.18 0.35
CA THR D 51 11.18 -17.62 0.69
C THR D 51 12.06 -18.48 -0.21
N PHE D 52 12.71 -19.47 0.39
CA PHE D 52 13.55 -20.44 -0.35
C PHE D 52 12.72 -21.67 -0.75
N HIS D 53 13.00 -22.20 -1.93
CA HIS D 53 12.35 -23.42 -2.45
C HIS D 53 13.40 -24.43 -2.89
N LEU D 54 13.19 -25.69 -2.56
CA LEU D 54 14.08 -26.77 -3.05
C LEU D 54 13.24 -28.03 -3.23
N ASP D 55 13.33 -28.62 -4.41
CA ASP D 55 12.67 -29.91 -4.75
C ASP D 55 11.17 -29.75 -4.54
N GLY D 56 10.64 -28.59 -4.90
CA GLY D 56 9.20 -28.33 -4.95
C GLY D 56 8.60 -28.03 -3.59
N GLU D 57 9.43 -27.80 -2.56
CA GLU D 57 8.97 -27.45 -1.19
C GLU D 57 9.65 -26.16 -0.73
N VAL D 58 8.97 -25.43 0.14
CA VAL D 58 9.57 -24.28 0.89
C VAL D 58 10.62 -24.87 1.83
N ILE D 59 11.82 -24.30 1.86
CA ILE D 59 12.87 -24.69 2.84
C ILE D 59 13.18 -23.44 3.68
N THR D 60 13.15 -23.56 4.99
CA THR D 60 13.45 -22.41 5.87
C THR D 60 14.95 -22.14 5.84
N PHE D 61 15.33 -20.94 6.26
CA PHE D 61 16.73 -20.44 6.15
C PHE D 61 17.69 -21.33 6.92
N ASP D 62 17.37 -21.70 8.16
CA ASP D 62 18.26 -22.53 9.02
C ASP D 62 18.48 -23.90 8.35
N ASN D 63 17.40 -24.55 7.90
CA ASN D 63 17.51 -25.85 7.19
C ASN D 63 18.28 -25.68 5.88
N LEU D 64 18.12 -24.56 5.20
CA LEU D 64 18.89 -24.32 3.96
C LEU D 64 20.39 -24.27 4.28
N LYS D 65 20.81 -23.52 5.29
CA LYS D 65 22.27 -23.39 5.56
C LYS D 65 22.85 -24.76 5.93
N THR D 66 22.10 -25.60 6.63
CA THR D 66 22.53 -26.96 7.02
C THR D 66 22.72 -27.79 5.75
N LEU D 67 21.72 -27.78 4.89
CA LEU D 67 21.72 -28.55 3.62
C LEU D 67 22.90 -28.09 2.75
N LEU D 68 23.12 -26.78 2.60
CA LEU D 68 24.19 -26.27 1.71
C LEU D 68 25.57 -26.72 2.21
N SER D 69 25.72 -26.98 3.50
CA SER D 69 27.02 -27.31 4.16
CA SER D 69 27.05 -27.29 4.08
C SER D 69 27.40 -28.78 3.94
N LEU D 70 26.44 -29.64 3.58
CA LEU D 70 26.72 -31.11 3.54
C LEU D 70 27.71 -31.44 2.41
N ARG D 71 28.68 -32.32 2.72
CA ARG D 71 29.69 -32.81 1.75
C ARG D 71 28.95 -33.65 0.69
N GLU D 72 29.59 -33.82 -0.48
CA GLU D 72 29.09 -34.65 -1.61
C GLU D 72 28.84 -36.08 -1.10
N VAL D 73 27.66 -36.66 -1.35
CA VAL D 73 27.37 -38.12 -1.13
C VAL D 73 27.77 -38.89 -2.39
N ARG D 74 28.81 -39.70 -2.25
CA ARG D 74 29.35 -40.53 -3.34
CA ARG D 74 29.39 -40.54 -3.33
C ARG D 74 28.87 -41.96 -3.11
N THR D 75 28.44 -42.60 -4.19
CA THR D 75 27.96 -44.00 -4.13
C THR D 75 28.68 -44.82 -5.19
N ILE D 76 28.65 -46.13 -4.97
CA ILE D 76 28.92 -47.13 -6.03
C ILE D 76 27.79 -48.15 -6.00
N LYS D 77 27.71 -48.92 -7.06
CA LYS D 77 26.80 -50.10 -7.11
CA LYS D 77 26.80 -50.09 -7.12
C LYS D 77 27.65 -51.35 -7.02
N VAL D 78 27.18 -52.27 -6.21
CA VAL D 78 27.83 -53.61 -6.08
C VAL D 78 26.72 -54.64 -6.18
N PHE D 79 27.11 -55.89 -6.20
CA PHE D 79 26.16 -56.99 -5.99
C PHE D 79 26.33 -57.57 -4.59
N THR D 80 25.24 -57.79 -3.90
CA THR D 80 25.25 -58.57 -2.65
C THR D 80 24.66 -59.94 -2.91
N THR D 81 25.09 -60.90 -2.12
CA THR D 81 24.57 -62.26 -2.20
C THR D 81 24.61 -62.88 -0.81
N VAL D 82 23.63 -63.71 -0.50
CA VAL D 82 23.66 -64.50 0.74
C VAL D 82 24.11 -65.93 0.42
N ASP D 83 24.30 -66.29 -0.84
CA ASP D 83 24.42 -67.72 -1.22
C ASP D 83 25.38 -67.96 -2.40
N ASN D 84 25.94 -66.92 -3.01
CA ASN D 84 26.76 -67.05 -4.24
C ASN D 84 25.95 -67.65 -5.38
N ILE D 85 24.63 -67.55 -5.33
CA ILE D 85 23.74 -68.02 -6.44
C ILE D 85 22.90 -66.84 -6.91
N ASN D 86 22.24 -66.17 -5.97
CA ASN D 86 21.30 -65.05 -6.26
C ASN D 86 22.00 -63.75 -5.88
N LEU D 87 22.12 -62.84 -6.84
CA LEU D 87 22.83 -61.58 -6.65
C LEU D 87 21.82 -60.43 -6.73
N HIS D 88 21.99 -59.47 -5.86
CA HIS D 88 21.13 -58.27 -5.80
C HIS D 88 21.99 -57.04 -6.03
N THR D 89 21.58 -56.22 -6.97
CA THR D 89 22.29 -54.94 -7.23
C THR D 89 21.96 -53.98 -6.09
N GLN D 90 22.97 -53.42 -5.46
CA GLN D 90 22.86 -52.67 -4.21
C GLN D 90 23.68 -51.39 -4.32
N VAL D 91 23.07 -50.26 -3.97
CA VAL D 91 23.79 -48.98 -3.83
C VAL D 91 24.54 -49.00 -2.50
N VAL D 92 25.76 -48.51 -2.52
CA VAL D 92 26.65 -48.39 -1.36
C VAL D 92 27.08 -46.93 -1.18
N ASP D 93 26.95 -46.44 0.04
CA ASP D 93 27.40 -45.08 0.44
C ASP D 93 28.89 -45.17 0.72
N MET D 94 29.74 -44.43 0.02
CA MET D 94 31.22 -44.54 0.14
C MET D 94 31.70 -43.99 1.49
N SER D 95 30.82 -43.33 2.26
CA SER D 95 31.17 -42.68 3.56
C SER D 95 31.05 -43.66 4.73
N MET D 96 30.49 -44.84 4.50
CA MET D 96 30.21 -45.83 5.56
C MET D 96 30.94 -47.13 5.21
N THR D 97 31.41 -47.87 6.22
CA THR D 97 31.97 -49.20 5.93
C THR D 97 30.91 -50.11 5.32
N TYR D 98 31.34 -51.21 4.73
CA TYR D 98 30.40 -52.29 4.35
C TYR D 98 29.62 -52.75 5.56
N GLY D 99 30.33 -52.95 6.67
CA GLY D 99 29.68 -53.48 7.88
C GLY D 99 28.60 -52.56 8.39
N GLN D 100 28.84 -51.26 8.32
CA GLN D 100 27.86 -50.27 8.82
C GLN D 100 26.57 -50.39 8.02
N GLN D 101 26.69 -50.74 6.73
CA GLN D 101 25.53 -50.76 5.79
C GLN D 101 24.89 -52.15 5.70
N PHE D 102 25.68 -53.21 5.76
CA PHE D 102 25.19 -54.57 5.41
C PHE D 102 25.38 -55.58 6.54
N GLY D 103 26.05 -55.21 7.60
CA GLY D 103 26.50 -56.20 8.59
C GLY D 103 27.77 -56.85 8.09
N PRO D 104 28.20 -57.96 8.74
CA PRO D 104 29.40 -58.66 8.31
C PRO D 104 29.40 -58.93 6.82
N THR D 105 30.50 -58.57 6.17
CA THR D 105 30.60 -58.63 4.70
C THR D 105 31.96 -59.18 4.27
N TYR D 106 31.91 -60.08 3.30
CA TYR D 106 33.13 -60.69 2.72
C TYR D 106 33.19 -60.39 1.23
N LEU D 107 34.41 -60.19 0.75
CA LEU D 107 34.68 -60.01 -0.68
C LEU D 107 35.69 -61.10 -1.08
N ASP D 108 35.24 -62.13 -1.79
CA ASP D 108 36.08 -63.29 -2.18
C ASP D 108 36.77 -63.84 -0.94
N GLY D 109 36.03 -63.92 0.16
CA GLY D 109 36.47 -64.55 1.41
C GLY D 109 37.19 -63.59 2.33
N ALA D 110 37.60 -62.40 1.85
CA ALA D 110 38.28 -61.39 2.69
C ALA D 110 37.24 -60.62 3.48
N ASP D 111 37.46 -60.46 4.77
CA ASP D 111 36.54 -59.68 5.64
C ASP D 111 36.66 -58.19 5.29
N VAL D 112 35.59 -57.58 4.82
CA VAL D 112 35.58 -56.14 4.50
C VAL D 112 34.58 -55.41 5.39
N THR D 113 34.17 -56.01 6.50
CA THR D 113 33.20 -55.40 7.44
C THR D 113 33.67 -53.99 7.84
N LYS D 114 34.96 -53.82 8.14
CA LYS D 114 35.49 -52.55 8.66
C LYS D 114 36.19 -51.74 7.55
N ILE D 115 35.93 -52.08 6.31
CA ILE D 115 36.58 -51.48 5.12
C ILE D 115 35.61 -50.50 4.45
N LYS D 116 36.10 -49.36 4.01
CA LYS D 116 35.27 -48.39 3.28
C LYS D 116 35.24 -48.80 1.82
N PRO D 117 34.12 -48.53 1.14
CA PRO D 117 34.05 -48.79 -0.30
C PRO D 117 35.08 -47.96 -1.09
N HIS D 118 35.64 -48.58 -2.12
CA HIS D 118 36.65 -48.01 -3.04
C HIS D 118 36.03 -48.04 -4.44
N ASN D 119 36.42 -47.11 -5.31
CA ASN D 119 35.86 -47.08 -6.67
C ASN D 119 36.13 -48.42 -7.36
N SER D 120 37.22 -49.10 -7.01
CA SER D 120 37.59 -50.40 -7.62
C SER D 120 36.56 -51.49 -7.24
N HIS D 121 35.71 -51.26 -6.24
CA HIS D 121 34.70 -52.26 -5.82
C HIS D 121 33.44 -52.24 -6.71
N GLU D 122 33.27 -51.21 -7.55
CA GLU D 122 32.03 -51.09 -8.35
C GLU D 122 31.87 -52.37 -9.15
N GLY D 123 30.70 -52.97 -9.05
CA GLY D 123 30.31 -54.19 -9.78
C GLY D 123 30.87 -55.46 -9.19
N LYS D 124 31.58 -55.40 -8.06
CA LYS D 124 32.06 -56.63 -7.41
C LYS D 124 30.94 -57.25 -6.56
N THR D 125 31.13 -58.51 -6.18
CA THR D 125 30.12 -59.29 -5.45
C THR D 125 30.54 -59.49 -4.00
N PHE D 126 29.69 -59.08 -3.07
CA PHE D 126 29.91 -59.10 -1.61
C PHE D 126 28.94 -60.07 -0.99
N TYR D 127 29.48 -60.89 -0.09
CA TYR D 127 28.72 -61.96 0.59
C TYR D 127 28.30 -61.46 1.97
N VAL D 128 27.00 -61.47 2.21
CA VAL D 128 26.39 -60.85 3.41
C VAL D 128 25.47 -61.88 4.10
N LEU D 129 25.07 -61.56 5.33
CA LEU D 129 24.10 -62.38 6.07
C LEU D 129 22.71 -62.09 5.53
N PRO D 130 21.77 -63.06 5.62
CA PRO D 130 20.38 -62.79 5.24
C PRO D 130 19.76 -61.69 6.10
N ASN D 131 18.84 -60.94 5.50
CA ASN D 131 18.02 -59.87 6.12
C ASN D 131 17.11 -60.45 7.22
N ASN E 2 10.60 -63.47 -8.29
CA ASN E 2 10.73 -62.27 -9.17
C ASN E 2 10.00 -61.09 -8.53
N ALA E 3 10.58 -59.89 -8.64
CA ALA E 3 10.06 -58.66 -8.00
C ALA E 3 8.63 -58.37 -8.49
N THR E 4 7.75 -57.97 -7.58
CA THR E 4 6.44 -57.32 -7.89
C THR E 4 6.70 -55.95 -8.51
N PRO E 5 5.69 -55.35 -9.20
CA PRO E 5 5.83 -53.98 -9.68
C PRO E 5 6.26 -52.99 -8.58
N GLU E 6 5.71 -53.15 -7.38
CA GLU E 6 6.03 -52.32 -6.18
C GLU E 6 7.51 -52.50 -5.80
N GLU E 7 7.97 -53.75 -5.66
CA GLU E 7 9.38 -54.06 -5.28
C GLU E 7 10.30 -53.51 -6.39
N HIS E 8 9.92 -53.69 -7.65
CA HIS E 8 10.72 -53.20 -8.80
C HIS E 8 10.81 -51.67 -8.75
N PHE E 9 9.71 -51.01 -8.43
CA PHE E 9 9.68 -49.52 -8.25
C PHE E 9 10.69 -49.10 -7.17
N ILE E 10 10.65 -49.77 -6.00
CA ILE E 10 11.55 -49.41 -4.87
C ILE E 10 13.00 -49.68 -5.29
N GLU E 11 13.25 -50.85 -5.88
CA GLU E 11 14.64 -51.24 -6.19
C GLU E 11 15.23 -50.28 -7.22
N THR E 12 14.44 -49.95 -8.25
CA THR E 12 14.94 -49.03 -9.28
C THR E 12 15.26 -47.68 -8.65
N ILE E 13 14.37 -47.15 -7.84
CA ILE E 13 14.58 -45.83 -7.20
C ILE E 13 15.78 -45.90 -6.25
N SER E 14 15.99 -47.01 -5.53
CA SER E 14 17.14 -47.14 -4.60
C SER E 14 18.45 -46.99 -5.38
N LEU E 15 18.48 -47.53 -6.59
CA LEU E 15 19.71 -47.45 -7.42
C LEU E 15 19.88 -46.04 -8.02
N ALA E 16 18.80 -45.41 -8.47
CA ALA E 16 18.86 -44.12 -9.18
C ALA E 16 19.01 -42.96 -8.19
N GLY E 17 18.50 -43.11 -6.97
CA GLY E 17 18.68 -42.13 -5.89
C GLY E 17 17.48 -41.19 -5.69
N SER E 18 16.46 -41.26 -6.53
CA SER E 18 15.35 -40.30 -6.49
C SER E 18 14.22 -40.74 -7.40
N TYR E 19 13.07 -40.16 -7.15
CA TYR E 19 11.93 -40.24 -8.08
C TYR E 19 11.41 -38.83 -8.25
N LYS E 20 11.73 -38.23 -9.39
CA LYS E 20 11.38 -36.82 -9.67
C LYS E 20 11.94 -35.95 -8.53
N ASP E 21 11.12 -35.23 -7.78
CA ASP E 21 11.64 -34.29 -6.75
C ASP E 21 11.86 -34.99 -5.40
N TRP E 22 11.58 -36.29 -5.32
CA TRP E 22 11.73 -37.03 -4.05
C TRP E 22 13.10 -37.71 -4.00
N SER E 23 13.78 -37.58 -2.86
CA SER E 23 15.14 -38.15 -2.64
C SER E 23 15.05 -39.49 -1.92
N TYR E 24 15.77 -40.49 -2.42
CA TYR E 24 15.80 -41.82 -1.78
C TYR E 24 16.57 -41.74 -0.46
N SER E 25 16.06 -42.41 0.58
CA SER E 25 16.77 -42.53 1.87
C SER E 25 17.24 -43.97 2.10
N GLY E 26 16.29 -44.89 2.25
CA GLY E 26 16.56 -46.31 2.54
C GLY E 26 16.81 -46.63 4.01
N GLN E 27 16.76 -45.64 4.89
CA GLN E 27 17.17 -45.80 6.31
C GLN E 27 16.06 -46.54 7.06
N SER E 28 16.43 -47.50 7.91
CA SER E 28 15.47 -48.30 8.70
C SER E 28 15.06 -47.49 9.93
N THR E 29 13.77 -47.41 10.17
CA THR E 29 13.17 -46.60 11.25
C THR E 29 12.02 -47.36 11.89
N GLN E 30 11.56 -46.84 13.03
CA GLN E 30 10.42 -47.42 13.78
C GLN E 30 9.19 -47.47 12.86
N LEU E 31 9.09 -46.60 11.83
CA LEU E 31 7.88 -46.49 10.96
C LEU E 31 8.03 -47.34 9.69
N GLY E 32 9.17 -48.02 9.55
CA GLY E 32 9.52 -48.77 8.33
C GLY E 32 10.72 -48.17 7.65
N ILE E 33 10.97 -48.59 6.42
CA ILE E 33 12.10 -48.04 5.62
C ILE E 33 11.68 -46.62 5.21
N GLU E 34 12.47 -45.64 5.61
CA GLU E 34 12.33 -44.24 5.15
C GLU E 34 12.74 -44.31 3.67
N PHE E 35 11.79 -44.18 2.76
CA PHE E 35 11.96 -44.54 1.32
C PHE E 35 12.24 -43.30 0.51
N LEU E 36 11.31 -42.34 0.53
CA LEU E 36 11.44 -41.09 -0.26
C LEU E 36 11.14 -39.89 0.62
N LYS E 37 11.94 -38.83 0.47
CA LYS E 37 11.81 -37.59 1.24
C LYS E 37 11.64 -36.44 0.23
N ARG E 38 10.75 -35.52 0.56
CA ARG E 38 10.60 -34.26 -0.19
C ARG E 38 10.32 -33.17 0.83
N GLY E 39 11.36 -32.42 1.19
CA GLY E 39 11.33 -31.51 2.35
C GLY E 39 10.82 -32.26 3.56
N ASP E 40 9.74 -31.78 4.17
CA ASP E 40 9.20 -32.27 5.46
C ASP E 40 8.34 -33.52 5.24
N LYS E 41 8.13 -33.94 3.99
CA LYS E 41 7.28 -35.11 3.67
C LYS E 41 8.16 -36.34 3.50
N SER E 42 7.71 -37.46 4.07
CA SER E 42 8.48 -38.72 4.02
C SER E 42 7.51 -39.83 3.64
N VAL E 43 7.87 -40.62 2.63
CA VAL E 43 7.16 -41.86 2.25
C VAL E 43 7.97 -43.02 2.81
N TYR E 44 7.30 -43.93 3.50
CA TYR E 44 7.92 -45.10 4.16
C TYR E 44 7.39 -46.36 3.48
N TYR E 45 8.09 -47.47 3.55
CA TYR E 45 7.45 -48.76 3.21
C TYR E 45 7.82 -49.80 4.29
N THR E 46 6.93 -50.75 4.40
CA THR E 46 7.15 -52.07 5.05
C THR E 46 7.16 -53.15 3.96
N SER E 47 7.88 -54.24 4.19
CA SER E 47 8.14 -55.29 3.19
C SER E 47 7.30 -56.53 3.49
N ASN E 48 7.07 -57.37 2.49
CA ASN E 48 6.53 -58.74 2.66
C ASN E 48 5.17 -58.69 3.35
N PRO E 49 4.12 -58.12 2.73
CA PRO E 49 4.18 -57.52 1.38
C PRO E 49 4.43 -56.02 1.41
N THR E 50 4.84 -55.44 0.28
CA THR E 50 5.19 -54.01 0.20
C THR E 50 3.97 -53.15 0.51
N THR E 51 4.07 -52.33 1.55
CA THR E 51 3.01 -51.38 1.98
C THR E 51 3.65 -50.01 2.16
N PHE E 52 3.07 -48.96 1.58
CA PHE E 52 3.62 -47.59 1.68
C PHE E 52 2.76 -46.76 2.64
N HIS E 53 3.41 -45.80 3.31
CA HIS E 53 2.66 -44.76 4.06
C HIS E 53 3.37 -43.43 3.93
N LEU E 54 2.60 -42.34 3.96
CA LEU E 54 3.14 -40.95 3.92
C LEU E 54 3.01 -40.37 5.32
N ASP E 55 4.13 -40.25 6.04
CA ASP E 55 4.20 -39.76 7.45
C ASP E 55 3.02 -40.35 8.25
N GLY E 56 2.85 -41.68 8.19
CA GLY E 56 1.91 -42.42 9.04
C GLY E 56 0.58 -42.77 8.37
N GLU E 57 0.23 -42.14 7.24
CA GLU E 57 -1.06 -42.36 6.52
C GLU E 57 -0.85 -43.39 5.39
N VAL E 58 -1.57 -44.53 5.40
CA VAL E 58 -1.36 -45.61 4.39
C VAL E 58 -1.78 -45.14 2.99
N ILE E 59 -1.00 -45.49 1.96
CA ILE E 59 -1.31 -45.11 0.54
C ILE E 59 -1.07 -46.31 -0.38
N THR E 60 -1.96 -46.51 -1.35
CA THR E 60 -1.89 -47.61 -2.35
C THR E 60 -0.77 -47.31 -3.35
N PHE E 61 -0.25 -48.33 -4.04
CA PHE E 61 0.81 -48.14 -5.07
C PHE E 61 0.34 -47.17 -6.17
N ASP E 62 -0.86 -47.37 -6.75
CA ASP E 62 -1.35 -46.53 -7.88
C ASP E 62 -1.51 -45.06 -7.42
N ASN E 63 -2.03 -44.84 -6.22
CA ASN E 63 -2.19 -43.48 -5.64
C ASN E 63 -0.83 -42.89 -5.31
N LEU E 64 0.16 -43.72 -4.97
CA LEU E 64 1.50 -43.21 -4.63
C LEU E 64 2.11 -42.58 -5.88
N LYS E 65 2.02 -43.26 -7.02
CA LYS E 65 2.66 -42.74 -8.27
C LYS E 65 2.01 -41.39 -8.60
N THR E 66 0.70 -41.25 -8.46
CA THR E 66 0.03 -39.96 -8.69
C THR E 66 0.58 -38.91 -7.71
N LEU E 67 0.57 -39.23 -6.43
CA LEU E 67 0.99 -38.29 -5.37
C LEU E 67 2.43 -37.83 -5.63
N LEU E 68 3.35 -38.73 -5.97
CA LEU E 68 4.80 -38.36 -6.08
C LEU E 68 5.00 -37.32 -7.18
N SER E 69 4.13 -37.28 -8.19
CA SER E 69 4.28 -36.42 -9.38
C SER E 69 3.67 -35.03 -9.14
N LEU E 70 2.85 -34.87 -8.10
CA LEU E 70 2.11 -33.61 -7.86
C LEU E 70 3.06 -32.46 -7.53
N ARG E 71 2.80 -31.30 -8.13
CA ARG E 71 3.27 -29.97 -7.63
C ARG E 71 2.63 -29.76 -6.24
N GLU E 72 3.33 -29.11 -5.33
CA GLU E 72 2.76 -28.74 -4.00
C GLU E 72 1.65 -27.68 -4.20
N VAL E 73 0.54 -27.78 -3.47
CA VAL E 73 -0.47 -26.68 -3.42
C VAL E 73 0.23 -25.45 -2.83
N ARG E 74 0.12 -24.31 -3.51
CA ARG E 74 0.66 -23.00 -3.06
C ARG E 74 -0.48 -22.16 -2.48
N THR E 75 -0.27 -21.59 -1.30
CA THR E 75 -1.27 -20.72 -0.65
C THR E 75 -0.60 -19.45 -0.18
N ILE E 76 -1.38 -18.41 0.04
CA ILE E 76 -0.94 -17.19 0.76
C ILE E 76 -2.04 -16.88 1.76
N LYS E 77 -1.72 -16.06 2.75
CA LYS E 77 -2.74 -15.51 3.66
C LYS E 77 -2.95 -14.06 3.27
N VAL E 78 -4.21 -13.69 3.24
CA VAL E 78 -4.60 -12.28 3.00
C VAL E 78 -5.61 -11.89 4.05
N PHE E 79 -6.00 -10.63 4.05
CA PHE E 79 -7.15 -10.19 4.85
C PHE E 79 -8.32 -9.95 3.90
N THR E 80 -9.49 -10.39 4.29
CA THR E 80 -10.73 -9.99 3.59
C THR E 80 -11.50 -9.05 4.49
N THR E 81 -12.29 -8.21 3.85
CA THR E 81 -13.15 -7.26 4.56
C THR E 81 -14.39 -7.01 3.72
N VAL E 82 -15.50 -6.86 4.40
CA VAL E 82 -16.77 -6.44 3.74
C VAL E 82 -17.01 -4.95 3.95
N ASP E 83 -16.21 -4.28 4.78
CA ASP E 83 -16.55 -2.92 5.28
C ASP E 83 -15.35 -1.98 5.45
N ASN E 84 -14.11 -2.43 5.25
CA ASN E 84 -12.89 -1.63 5.51
C ASN E 84 -12.79 -1.29 7.00
N ILE E 85 -13.47 -2.05 7.85
CA ILE E 85 -13.40 -1.86 9.33
C ILE E 85 -12.94 -3.17 9.98
N ASN E 86 -13.56 -4.27 9.63
CA ASN E 86 -13.27 -5.58 10.21
C ASN E 86 -12.55 -6.40 9.15
N LEU E 87 -11.38 -6.93 9.54
CA LEU E 87 -10.51 -7.71 8.63
C LEU E 87 -10.45 -9.15 9.15
N HIS E 88 -10.56 -10.11 8.24
CA HIS E 88 -10.54 -11.55 8.55
C HIS E 88 -9.36 -12.16 7.84
N THR E 89 -8.49 -12.84 8.58
CA THR E 89 -7.38 -13.57 7.95
C THR E 89 -7.93 -14.76 7.16
N GLN E 90 -7.50 -14.93 5.91
CA GLN E 90 -8.09 -15.89 4.97
C GLN E 90 -6.98 -16.58 4.19
N VAL E 91 -7.01 -17.92 4.09
CA VAL E 91 -6.07 -18.65 3.19
C VAL E 91 -6.63 -18.59 1.77
N VAL E 92 -5.75 -18.33 0.82
CA VAL E 92 -6.12 -18.26 -0.62
C VAL E 92 -5.35 -19.34 -1.38
N ASP E 93 -6.07 -20.05 -2.23
CA ASP E 93 -5.52 -21.07 -3.16
C ASP E 93 -5.05 -20.33 -4.40
N MET E 94 -3.76 -20.41 -4.73
CA MET E 94 -3.18 -19.61 -5.83
C MET E 94 -3.60 -20.21 -7.17
N SER E 95 -4.27 -21.37 -7.17
CA SER E 95 -4.70 -22.10 -8.40
C SER E 95 -6.10 -21.67 -8.82
N MET E 96 -6.81 -20.91 -7.98
CA MET E 96 -8.18 -20.42 -8.28
C MET E 96 -8.15 -18.89 -8.31
N THR E 97 -9.03 -18.29 -9.11
CA THR E 97 -9.12 -16.82 -9.09
C THR E 97 -9.67 -16.37 -7.74
N TYR E 98 -9.50 -15.10 -7.42
CA TYR E 98 -10.18 -14.52 -6.24
C TYR E 98 -11.69 -14.72 -6.38
N GLY E 99 -12.25 -14.50 -7.57
CA GLY E 99 -13.69 -14.66 -7.77
C GLY E 99 -14.15 -16.07 -7.46
N GLN E 100 -13.40 -17.07 -7.92
CA GLN E 100 -13.80 -18.49 -7.72
C GLN E 100 -13.93 -18.78 -6.21
N GLN E 101 -13.09 -18.15 -5.40
CA GLN E 101 -12.99 -18.45 -3.94
C GLN E 101 -13.89 -17.53 -3.12
N PHE E 102 -13.99 -16.25 -3.46
CA PHE E 102 -14.62 -15.20 -2.60
C PHE E 102 -15.80 -14.51 -3.27
N GLY E 103 -16.10 -14.76 -4.53
CA GLY E 103 -17.01 -13.87 -5.28
C GLY E 103 -16.29 -12.62 -5.73
N PRO E 104 -17.03 -11.62 -6.24
CA PRO E 104 -16.43 -10.36 -6.65
C PRO E 104 -15.49 -9.82 -5.58
N THR E 105 -14.29 -9.45 -5.99
CA THR E 105 -13.21 -9.06 -5.07
C THR E 105 -12.48 -7.84 -5.62
N TYR E 106 -12.21 -6.87 -4.74
CA TYR E 106 -11.46 -5.65 -5.10
C TYR E 106 -10.22 -5.52 -4.24
N LEU E 107 -9.16 -4.99 -4.84
CA LEU E 107 -7.88 -4.69 -4.16
C LEU E 107 -7.60 -3.21 -4.37
N ASP E 108 -7.84 -2.38 -3.34
CA ASP E 108 -7.69 -0.91 -3.43
C ASP E 108 -8.50 -0.37 -4.61
N GLY E 109 -9.72 -0.86 -4.76
CA GLY E 109 -10.64 -0.40 -5.82
C GLY E 109 -10.44 -1.08 -7.16
N ALA E 110 -9.39 -1.87 -7.37
CA ALA E 110 -9.17 -2.61 -8.65
C ALA E 110 -9.89 -3.95 -8.59
N ASP E 111 -10.64 -4.28 -9.62
CA ASP E 111 -11.41 -5.54 -9.70
C ASP E 111 -10.43 -6.70 -9.95
N VAL E 112 -10.31 -7.61 -8.99
CA VAL E 112 -9.37 -8.76 -9.11
C VAL E 112 -10.16 -10.07 -9.20
N THR E 113 -11.47 -10.00 -9.43
CA THR E 113 -12.35 -11.18 -9.53
C THR E 113 -11.76 -12.23 -10.47
N LYS E 114 -11.23 -11.80 -11.62
CA LYS E 114 -10.82 -12.76 -12.68
C LYS E 114 -9.33 -13.08 -12.61
N ILE E 115 -8.65 -12.67 -11.54
CA ILE E 115 -7.16 -12.74 -11.42
CA ILE E 115 -7.17 -12.85 -11.51
C ILE E 115 -6.79 -13.89 -10.45
N LYS E 116 -5.72 -14.60 -10.75
CA LYS E 116 -5.15 -15.59 -9.83
C LYS E 116 -4.26 -14.85 -8.83
N PRO E 117 -4.21 -15.31 -7.57
CA PRO E 117 -3.35 -14.71 -6.56
C PRO E 117 -1.87 -14.61 -6.96
N HIS E 118 -1.26 -13.48 -6.59
CA HIS E 118 0.17 -13.11 -6.76
C HIS E 118 0.89 -13.38 -5.43
N ASN E 119 2.14 -13.82 -5.45
CA ASN E 119 2.93 -13.93 -4.20
C ASN E 119 2.89 -12.62 -3.42
N SER E 120 2.98 -11.49 -4.11
CA SER E 120 3.04 -10.12 -3.54
C SER E 120 1.72 -9.75 -2.85
N HIS E 121 0.67 -10.54 -3.04
CA HIS E 121 -0.65 -10.29 -2.40
C HIS E 121 -0.67 -10.75 -0.93
N GLU E 122 0.34 -11.50 -0.48
CA GLU E 122 0.39 -11.95 0.93
C GLU E 122 0.23 -10.74 1.85
N GLY E 123 -0.71 -10.80 2.78
CA GLY E 123 -0.92 -9.76 3.80
C GLY E 123 -1.66 -8.53 3.28
N LYS E 124 -2.08 -8.49 2.01
CA LYS E 124 -2.90 -7.37 1.49
C LYS E 124 -4.35 -7.58 1.87
N THR E 125 -5.14 -6.51 1.79
CA THR E 125 -6.56 -6.50 2.21
C THR E 125 -7.46 -6.43 0.97
N PHE E 126 -8.35 -7.39 0.87
CA PHE E 126 -9.29 -7.55 -0.24
C PHE E 126 -10.70 -7.30 0.22
N TYR E 127 -11.43 -6.55 -0.60
CA TYR E 127 -12.83 -6.16 -0.31
C TYR E 127 -13.78 -7.11 -1.03
N VAL E 128 -14.64 -7.77 -0.26
CA VAL E 128 -15.53 -8.86 -0.75
C VAL E 128 -16.98 -8.60 -0.31
N LEU E 129 -17.92 -9.33 -0.90
CA LEU E 129 -19.33 -9.30 -0.44
C LEU E 129 -19.45 -10.13 0.82
N PRO E 130 -20.45 -9.81 1.66
CA PRO E 130 -20.75 -10.65 2.82
C PRO E 130 -21.20 -12.04 2.34
N ASN E 131 -20.83 -13.07 3.11
CA ASN E 131 -21.07 -14.49 2.77
C ASN E 131 -22.49 -14.86 3.23
N SER F 1 -34.02 4.16 -4.82
CA SER F 1 -33.29 4.76 -3.65
C SER F 1 -32.00 3.96 -3.41
N ASN F 2 -31.46 4.02 -2.19
CA ASN F 2 -30.22 3.25 -1.86
C ASN F 2 -30.51 1.75 -2.03
N ALA F 3 -29.59 1.03 -2.66
CA ALA F 3 -29.72 -0.42 -2.93
C ALA F 3 -29.93 -1.17 -1.60
N THR F 4 -30.83 -2.15 -1.60
CA THR F 4 -30.98 -3.16 -0.53
C THR F 4 -29.82 -4.14 -0.64
N PRO F 5 -29.54 -4.98 0.38
CA PRO F 5 -28.44 -5.95 0.28
C PRO F 5 -28.60 -6.86 -0.96
N GLU F 6 -29.83 -7.25 -1.26
CA GLU F 6 -30.17 -8.11 -2.44
C GLU F 6 -29.81 -7.36 -3.73
N GLU F 7 -30.20 -6.11 -3.82
CA GLU F 7 -29.92 -5.30 -5.03
C GLU F 7 -28.40 -5.06 -5.13
N HIS F 8 -27.73 -4.84 -3.99
CA HIS F 8 -26.27 -4.60 -3.99
C HIS F 8 -25.53 -5.85 -4.50
N PHE F 9 -26.00 -7.01 -4.06
CA PHE F 9 -25.44 -8.32 -4.47
C PHE F 9 -25.55 -8.43 -5.99
N ILE F 10 -26.75 -8.21 -6.52
CA ILE F 10 -27.01 -8.27 -7.98
C ILE F 10 -26.08 -7.29 -8.72
N GLU F 11 -26.07 -6.04 -8.29
CA GLU F 11 -25.33 -5.00 -9.05
C GLU F 11 -23.85 -5.32 -9.04
N THR F 12 -23.29 -5.73 -7.89
CA THR F 12 -21.85 -6.01 -7.79
C THR F 12 -21.50 -7.14 -8.74
N ILE F 13 -22.32 -8.19 -8.72
CA ILE F 13 -22.10 -9.39 -9.59
C ILE F 13 -22.23 -8.97 -11.06
N SER F 14 -23.15 -8.07 -11.39
CA SER F 14 -23.38 -7.61 -12.79
C SER F 14 -22.12 -6.93 -13.30
N LEU F 15 -21.37 -6.29 -12.41
CA LEU F 15 -20.13 -5.59 -12.81
C LEU F 15 -18.95 -6.55 -12.86
N ALA F 16 -18.88 -7.49 -11.92
CA ALA F 16 -17.71 -8.37 -11.81
C ALA F 16 -17.81 -9.51 -12.83
N GLY F 17 -19.04 -9.95 -13.15
CA GLY F 17 -19.29 -10.90 -14.25
C GLY F 17 -19.60 -12.29 -13.78
N SER F 18 -19.47 -12.55 -12.48
CA SER F 18 -19.60 -13.93 -11.95
C SER F 18 -19.72 -13.87 -10.44
N TYR F 19 -20.20 -14.96 -9.87
CA TYR F 19 -20.13 -15.22 -8.42
C TYR F 19 -19.59 -16.64 -8.25
N LYS F 20 -18.34 -16.75 -7.79
CA LYS F 20 -17.68 -18.07 -7.65
C LYS F 20 -17.74 -18.75 -9.01
N ASP F 21 -18.31 -19.95 -9.13
CA ASP F 21 -18.36 -20.69 -10.42
C ASP F 21 -19.70 -20.49 -11.15
N TRP F 22 -20.47 -19.46 -10.80
CA TRP F 22 -21.69 -19.05 -11.53
C TRP F 22 -21.38 -17.84 -12.40
N SER F 23 -21.82 -17.86 -13.66
CA SER F 23 -21.59 -16.72 -14.59
C SER F 23 -22.82 -15.82 -14.56
N TYR F 24 -22.59 -14.52 -14.57
CA TYR F 24 -23.66 -13.51 -14.71
C TYR F 24 -24.20 -13.52 -16.13
N SER F 25 -25.52 -13.49 -16.24
CA SER F 25 -26.21 -13.37 -17.54
C SER F 25 -26.82 -11.97 -17.70
N GLY F 26 -27.86 -11.70 -16.95
CA GLY F 26 -28.60 -10.42 -17.05
C GLY F 26 -29.63 -10.42 -18.17
N GLN F 27 -29.85 -11.55 -18.84
CA GLN F 27 -30.85 -11.63 -19.93
C GLN F 27 -32.27 -11.58 -19.36
N SER F 28 -33.11 -10.69 -19.86
CA SER F 28 -34.55 -10.60 -19.54
C SER F 28 -35.28 -11.81 -20.14
N THR F 29 -36.06 -12.52 -19.34
CA THR F 29 -36.85 -13.71 -19.77
C THR F 29 -38.26 -13.64 -19.19
N GLN F 30 -39.12 -14.58 -19.58
CA GLN F 30 -40.50 -14.70 -19.06
C GLN F 30 -40.46 -14.98 -17.55
N LEU F 31 -39.37 -15.61 -17.08
CA LEU F 31 -39.16 -16.01 -15.65
C LEU F 31 -38.48 -14.90 -14.85
N GLY F 32 -38.20 -13.76 -15.49
CA GLY F 32 -37.57 -12.58 -14.89
C GLY F 32 -36.16 -12.41 -15.42
N ILE F 33 -35.28 -11.77 -14.66
CA ILE F 33 -33.88 -11.61 -15.11
C ILE F 33 -33.13 -12.91 -14.84
N GLU F 34 -32.57 -13.50 -15.87
CA GLU F 34 -31.61 -14.63 -15.75
C GLU F 34 -30.32 -14.06 -15.16
N PHE F 35 -30.02 -14.43 -13.92
CA PHE F 35 -29.07 -13.70 -13.08
C PHE F 35 -27.74 -14.46 -13.11
N LEU F 36 -27.77 -15.70 -12.65
CA LEU F 36 -26.57 -16.55 -12.54
C LEU F 36 -26.84 -17.91 -13.17
N LYS F 37 -25.84 -18.42 -13.86
CA LYS F 37 -25.88 -19.70 -14.58
C LYS F 37 -24.68 -20.56 -14.17
N ARG F 38 -24.93 -21.84 -13.94
CA ARG F 38 -23.87 -22.84 -13.73
C ARG F 38 -24.40 -24.16 -14.27
N GLY F 39 -23.68 -24.72 -15.24
CA GLY F 39 -24.16 -25.86 -16.04
C GLY F 39 -25.58 -25.60 -16.52
N ASP F 40 -26.51 -26.48 -16.18
CA ASP F 40 -27.93 -26.42 -16.63
C ASP F 40 -28.80 -25.68 -15.60
N LYS F 41 -28.22 -25.06 -14.57
CA LYS F 41 -28.98 -24.37 -13.49
C LYS F 41 -28.93 -22.86 -13.74
N SER F 42 -30.05 -22.18 -13.50
CA SER F 42 -30.15 -20.70 -13.60
C SER F 42 -30.91 -20.17 -12.39
N VAL F 43 -30.32 -19.19 -11.75
CA VAL F 43 -31.03 -18.33 -10.75
C VAL F 43 -31.62 -17.17 -11.52
N TYR F 44 -32.90 -16.86 -11.26
CA TYR F 44 -33.60 -15.69 -11.81
C TYR F 44 -33.93 -14.75 -10.65
N TYR F 45 -34.11 -13.46 -10.94
CA TYR F 45 -34.80 -12.56 -9.99
C TYR F 45 -35.91 -11.80 -10.69
N THR F 46 -36.90 -11.43 -9.89
CA THR F 46 -37.96 -10.45 -10.23
C THR F 46 -37.80 -9.26 -9.28
N SER F 47 -38.44 -8.14 -9.62
CA SER F 47 -38.34 -6.85 -8.90
C SER F 47 -39.69 -6.53 -8.24
N ASN F 48 -39.69 -5.51 -7.37
CA ASN F 48 -40.91 -4.93 -6.73
CA ASN F 48 -40.93 -4.94 -6.76
C ASN F 48 -41.71 -6.03 -6.02
N PRO F 49 -41.14 -6.74 -5.00
CA PRO F 49 -39.76 -6.56 -4.52
C PRO F 49 -38.74 -7.51 -5.17
N THR F 50 -37.45 -7.25 -4.96
CA THR F 50 -36.37 -8.10 -5.49
C THR F 50 -36.50 -9.48 -4.85
N THR F 51 -36.72 -10.50 -5.69
CA THR F 51 -37.04 -11.90 -5.27
C THR F 51 -36.24 -12.88 -6.15
N PHE F 52 -35.56 -13.85 -5.53
CA PHE F 52 -34.72 -14.85 -6.22
C PHE F 52 -35.49 -16.16 -6.43
N HIS F 53 -35.26 -16.79 -7.59
CA HIS F 53 -35.95 -18.02 -8.03
C HIS F 53 -34.91 -19.04 -8.52
N LEU F 54 -35.03 -20.28 -8.06
CA LEU F 54 -34.21 -21.40 -8.57
C LEU F 54 -35.08 -22.66 -8.62
N ASP F 55 -35.32 -23.19 -9.83
CA ASP F 55 -36.07 -24.46 -10.04
C ASP F 55 -37.48 -24.30 -9.46
N GLY F 56 -38.14 -23.18 -9.79
CA GLY F 56 -39.52 -22.86 -9.39
C GLY F 56 -39.68 -22.68 -7.90
N GLU F 57 -38.57 -22.68 -7.15
CA GLU F 57 -38.56 -22.41 -5.68
CA GLU F 57 -38.47 -22.43 -5.68
C GLU F 57 -38.11 -20.96 -5.49
N VAL F 58 -38.91 -20.19 -4.74
CA VAL F 58 -38.50 -18.86 -4.21
C VAL F 58 -37.42 -19.17 -3.18
N ILE F 59 -36.26 -18.54 -3.34
CA ILE F 59 -35.14 -18.75 -2.37
CA ILE F 59 -35.04 -18.71 -2.47
C ILE F 59 -34.86 -17.43 -1.67
N THR F 60 -34.74 -17.51 -0.36
CA THR F 60 -34.40 -16.35 0.48
C THR F 60 -32.98 -15.94 0.10
N PHE F 61 -32.61 -14.70 0.38
CA PHE F 61 -31.25 -14.21 0.07
C PHE F 61 -30.21 -15.05 0.84
N ASP F 62 -30.49 -15.36 2.10
CA ASP F 62 -29.51 -16.11 2.95
C ASP F 62 -29.32 -17.51 2.34
N ASN F 63 -30.42 -18.12 1.90
CA ASN F 63 -30.33 -19.47 1.29
C ASN F 63 -29.67 -19.41 -0.09
N LEU F 64 -29.91 -18.36 -0.88
CA LEU F 64 -29.21 -18.21 -2.19
C LEU F 64 -27.71 -18.28 -1.97
N LYS F 65 -27.18 -17.57 -0.97
CA LYS F 65 -25.71 -17.55 -0.77
C LYS F 65 -25.26 -18.96 -0.37
N THR F 66 -26.07 -19.69 0.39
CA THR F 66 -25.78 -21.09 0.73
C THR F 66 -25.79 -21.95 -0.53
N LEU F 67 -26.86 -21.87 -1.33
CA LEU F 67 -27.00 -22.73 -2.52
C LEU F 67 -25.88 -22.41 -3.52
N LEU F 68 -25.52 -21.14 -3.71
CA LEU F 68 -24.47 -20.78 -4.71
C LEU F 68 -23.12 -21.39 -4.32
N SER F 69 -22.90 -21.64 -3.04
CA SER F 69 -21.58 -22.12 -2.57
CA SER F 69 -21.62 -22.12 -2.47
C SER F 69 -21.49 -23.65 -2.59
N LEU F 70 -22.59 -24.36 -2.84
CA LEU F 70 -22.55 -25.86 -2.98
C LEU F 70 -21.87 -26.25 -4.30
N ARG F 71 -21.06 -27.31 -4.36
CA ARG F 71 -20.46 -27.77 -5.64
C ARG F 71 -21.56 -28.31 -6.55
N GLU F 72 -21.36 -28.25 -7.86
CA GLU F 72 -22.25 -28.86 -8.86
C GLU F 72 -22.25 -30.37 -8.62
N VAL F 73 -23.43 -30.95 -8.58
CA VAL F 73 -23.61 -32.43 -8.49
C VAL F 73 -23.17 -33.03 -9.83
N ARG F 74 -22.15 -33.88 -9.80
CA ARG F 74 -21.64 -34.61 -10.98
C ARG F 74 -22.02 -36.07 -10.82
N THR F 75 -22.45 -36.69 -11.90
CA THR F 75 -22.89 -38.10 -11.90
C THR F 75 -22.20 -38.85 -13.02
N ILE F 76 -22.14 -40.16 -12.84
CA ILE F 76 -21.83 -41.11 -13.92
C ILE F 76 -22.92 -42.18 -13.91
N LYS F 77 -22.96 -42.93 -14.99
CA LYS F 77 -23.87 -44.08 -15.09
CA LYS F 77 -23.88 -44.08 -15.11
C LYS F 77 -23.03 -45.34 -14.99
N VAL F 78 -23.50 -46.26 -14.19
CA VAL F 78 -22.85 -47.59 -14.04
C VAL F 78 -23.94 -48.63 -14.13
N PHE F 79 -23.53 -49.89 -14.13
CA PHE F 79 -24.49 -51.00 -13.95
C PHE F 79 -24.31 -51.56 -12.56
N THR F 80 -25.43 -51.85 -11.92
CA THR F 80 -25.39 -52.66 -10.69
C THR F 80 -25.99 -54.03 -10.98
N THR F 81 -25.56 -54.98 -10.15
CA THR F 81 -26.04 -56.37 -10.24
C THR F 81 -26.00 -56.97 -8.85
N VAL F 82 -27.00 -57.80 -8.56
CA VAL F 82 -26.98 -58.62 -7.31
C VAL F 82 -26.54 -60.04 -7.64
N ASP F 83 -26.32 -60.38 -8.92
CA ASP F 83 -26.20 -61.80 -9.35
C ASP F 83 -25.24 -62.02 -10.53
N ASN F 84 -24.69 -60.99 -11.15
CA ASN F 84 -23.83 -61.10 -12.36
C ASN F 84 -24.65 -61.67 -13.52
N ILE F 85 -25.98 -61.57 -13.47
CA ILE F 85 -26.87 -62.03 -14.57
C ILE F 85 -27.73 -60.86 -15.04
N ASN F 86 -28.35 -60.18 -14.09
CA ASN F 86 -29.27 -59.06 -14.39
C ASN F 86 -28.55 -57.78 -14.01
N LEU F 87 -28.42 -56.87 -14.97
CA LEU F 87 -27.72 -55.59 -14.76
C LEU F 87 -28.75 -54.45 -14.82
N HIS F 88 -28.61 -53.51 -13.89
CA HIS F 88 -29.53 -52.34 -13.82
C HIS F 88 -28.69 -51.09 -14.01
N THR F 89 -29.08 -50.23 -14.95
CA THR F 89 -28.35 -48.97 -15.19
C THR F 89 -28.70 -48.01 -14.05
N GLN F 90 -27.69 -47.43 -13.43
CA GLN F 90 -27.82 -46.71 -12.16
C GLN F 90 -27.00 -45.44 -12.23
N VAL F 91 -27.57 -44.30 -11.83
CA VAL F 91 -26.78 -43.05 -11.69
CA VAL F 91 -26.82 -43.03 -11.67
C VAL F 91 -26.08 -43.08 -10.33
N VAL F 92 -24.84 -42.62 -10.34
CA VAL F 92 -23.97 -42.52 -9.15
C VAL F 92 -23.52 -41.08 -8.99
N ASP F 93 -23.60 -40.57 -7.76
CA ASP F 93 -23.10 -39.22 -7.39
C ASP F 93 -21.60 -39.34 -7.12
N MET F 94 -20.77 -38.57 -7.82
CA MET F 94 -19.30 -38.72 -7.76
C MET F 94 -18.76 -38.19 -6.43
N SER F 95 -19.58 -37.52 -5.62
CA SER F 95 -19.12 -36.90 -4.35
C SER F 95 -19.33 -37.84 -3.16
N MET F 96 -19.99 -38.97 -3.37
CA MET F 96 -20.29 -39.94 -2.29
C MET F 96 -19.62 -41.26 -2.63
N THR F 97 -19.18 -42.01 -1.61
CA THR F 97 -18.63 -43.35 -1.89
C THR F 97 -19.71 -44.27 -2.46
N TYR F 98 -19.27 -45.36 -3.06
CA TYR F 98 -20.22 -46.40 -3.50
C TYR F 98 -20.96 -46.92 -2.27
N GLY F 99 -20.26 -47.12 -1.15
CA GLY F 99 -20.90 -47.62 0.08
C GLY F 99 -22.03 -46.73 0.55
N GLN F 100 -21.81 -45.42 0.49
CA GLN F 100 -22.86 -44.48 0.97
C GLN F 100 -24.12 -44.65 0.13
N GLN F 101 -23.97 -44.98 -1.17
CA GLN F 101 -25.09 -45.01 -2.14
C GLN F 101 -25.75 -46.38 -2.23
N PHE F 102 -24.96 -47.45 -2.20
CA PHE F 102 -25.43 -48.81 -2.55
C PHE F 102 -25.25 -49.80 -1.41
N GLY F 103 -24.52 -49.44 -0.35
CA GLY F 103 -24.05 -50.42 0.64
C GLY F 103 -22.77 -51.04 0.12
N PRO F 104 -22.31 -52.14 0.74
CA PRO F 104 -21.11 -52.80 0.30
C PRO F 104 -21.13 -53.09 -1.20
N THR F 105 -20.05 -52.72 -1.86
CA THR F 105 -19.99 -52.73 -3.33
C THR F 105 -18.66 -53.31 -3.77
N TYR F 106 -18.70 -54.20 -4.75
CA TYR F 106 -17.47 -54.78 -5.34
C TYR F 106 -17.43 -54.50 -6.83
N LEU F 107 -16.22 -54.27 -7.33
CA LEU F 107 -15.93 -54.07 -8.76
C LEU F 107 -14.95 -55.16 -9.14
N ASP F 108 -15.40 -56.17 -9.88
CA ASP F 108 -14.52 -57.30 -10.28
C ASP F 108 -13.86 -57.92 -9.04
N GLY F 109 -14.59 -58.02 -7.94
CA GLY F 109 -14.09 -58.67 -6.71
C GLY F 109 -13.36 -57.71 -5.79
N ALA F 110 -13.02 -56.50 -6.24
CA ALA F 110 -12.33 -55.48 -5.43
C ALA F 110 -13.37 -54.72 -4.61
N ASP F 111 -13.13 -54.51 -3.32
CA ASP F 111 -14.06 -53.80 -2.42
C ASP F 111 -13.95 -52.29 -2.70
N VAL F 112 -15.00 -51.66 -3.22
CA VAL F 112 -15.02 -50.21 -3.56
C VAL F 112 -15.99 -49.48 -2.63
N THR F 113 -16.43 -50.11 -1.55
CA THR F 113 -17.35 -49.52 -0.55
C THR F 113 -16.83 -48.13 -0.12
N LYS F 114 -15.52 -47.99 0.08
CA LYS F 114 -14.93 -46.75 0.67
C LYS F 114 -14.38 -45.84 -0.43
N ILE F 115 -14.67 -46.13 -1.69
CA ILE F 115 -14.09 -45.42 -2.87
C ILE F 115 -15.17 -44.53 -3.48
N LYS F 116 -14.79 -43.32 -3.90
CA LYS F 116 -15.67 -42.42 -4.66
C LYS F 116 -15.57 -42.79 -6.13
N PRO F 117 -16.67 -42.61 -6.89
CA PRO F 117 -16.67 -42.93 -8.30
C PRO F 117 -15.52 -42.24 -9.05
N HIS F 118 -14.91 -43.00 -9.96
CA HIS F 118 -13.86 -42.57 -10.93
C HIS F 118 -14.53 -42.39 -12.30
N ASN F 119 -14.00 -41.53 -13.15
CA ASN F 119 -14.49 -41.42 -14.56
C ASN F 119 -14.41 -42.78 -15.26
N SER F 120 -13.37 -43.57 -14.99
CA SER F 120 -13.14 -44.91 -15.61
C SER F 120 -14.23 -45.91 -15.21
N HIS F 121 -15.03 -45.58 -14.19
CA HIS F 121 -16.11 -46.47 -13.70
C HIS F 121 -17.33 -46.37 -14.58
N GLU F 122 -17.39 -45.37 -15.47
CA GLU F 122 -18.59 -45.16 -16.30
C GLU F 122 -18.81 -46.45 -17.10
N GLY F 123 -20.00 -47.02 -16.98
CA GLY F 123 -20.39 -48.22 -17.74
C GLY F 123 -19.83 -49.50 -17.19
N LYS F 124 -19.16 -49.47 -16.03
CA LYS F 124 -18.67 -50.70 -15.42
C LYS F 124 -19.77 -51.32 -14.56
N THR F 125 -19.56 -52.58 -14.18
CA THR F 125 -20.57 -53.37 -13.44
C THR F 125 -20.11 -53.54 -11.99
N PHE F 126 -21.00 -53.17 -11.08
CA PHE F 126 -20.78 -53.17 -9.61
C PHE F 126 -21.75 -54.14 -8.97
N TYR F 127 -21.19 -54.98 -8.11
CA TYR F 127 -21.92 -56.05 -7.43
C TYR F 127 -22.31 -55.57 -6.04
N VAL F 128 -23.61 -55.57 -5.78
CA VAL F 128 -24.25 -54.97 -4.58
C VAL F 128 -25.19 -55.99 -3.93
N LEU F 129 -25.54 -55.73 -2.69
CA LEU F 129 -26.54 -56.55 -1.98
C LEU F 129 -27.92 -56.21 -2.54
N PRO F 130 -28.88 -57.15 -2.48
CA PRO F 130 -30.27 -56.84 -2.78
C PRO F 130 -30.84 -55.74 -1.87
#